data_6S1Z
#
_entry.id   6S1Z
#
_cell.length_a   166.718
_cell.length_b   166.718
_cell.length_c   117.458
_cell.angle_alpha   90.00
_cell.angle_beta   90.00
_cell.angle_gamma   120.00
#
_symmetry.space_group_name_H-M   'P 62 2 2'
#
loop_
_entity.id
_entity.type
_entity.pdbx_description
1 polymer 'Angiotensin-converting enzyme'
2 branched beta-D-mannopyranose-(1-4)-2-acetamido-2-deoxy-beta-D-glucopyranose-(1-4)-2-acetamido-2-deoxy-beta-D-glucopyranose
3 non-polymer fosinoprilat
4 non-polymer 'ZINC ION'
5 water water
#
_entity_poly.entity_id   1
_entity_poly.type   'polypeptide(L)'
_entity_poly.pdbx_seq_one_letter_code
;RRSTESEKAPSETEISQIVEWIEQRYQQTKAHQTLAAWEYGSNLTEFNLSKKTKAAADFAEVAKAVAEELQQFKTDQLTN
ATLKRRIKKLAKLGYAALPADQFKELLGAIASMESNYAKAKFCAYGDATKCDLSLDPELTEIFANHREPEELKYYWVQWY
NATGAPVRESFQKYVELNRQAALRNNFSSGAAVWLNEYDDSTFEQQVDDVIEQIRPLYEQLHAYVRYKLRQKYGDKLVSP
TGPIPMHLLGNLWAQTWDNIADFTTPFPEKKLLDVTDEMIRQGYTPIKMFQMGDDFFTSLNMTKLPQTFWDKSILEKPTD
GRDLVCHASAWDFFAIDDVRIKQCTRVNMREFFVVHHELGHIQYYLQYQHQPVEFRGGANPGFHEAVGDVLSLSVSTPKH
LKKVGLLKDYEEDEQVKINQFYRAGVTKLVFLPFAYTLDKYRWGVFRGDIKPREYNCKFWEMRSRYSGVEPPVVRTEQDF
DPPAKYHVSADVEYLRYFVSYVIQFQFHRAACALAGEYVKGDPEKTLNNCDIYQSTAAGNQLKEMLALGSSKPWPDAMEV
LTGERKMSADAILEYFDPLYQWLLEENKRLGAHVGWTDSQKCVSHPIDFMAAKHHHHHHHH
;
_entity_poly.pdbx_strand_id   A
#
loop_
_chem_comp.id
_chem_comp.type
_chem_comp.name
_chem_comp.formula
BMA D-saccharide, beta linking beta-D-mannopyranose 'C6 H12 O6'
KS8 non-polymer fosinoprilat 'C23 H34 N O5 P'
NAG D-saccharide, beta linking 2-acetamido-2-deoxy-beta-D-glucopyranose 'C8 H15 N O6'
ZN non-polymer 'ZINC ION' 'Zn 2'
#
# COMPACT_ATOMS: atom_id res chain seq x y z
N PRO A 10 37.47 15.93 -21.25
CA PRO A 10 37.04 14.55 -21.51
C PRO A 10 35.77 14.46 -22.37
N SER A 11 35.67 13.41 -23.16
CA SER A 11 34.52 13.22 -24.04
C SER A 11 33.34 12.68 -23.24
N GLU A 12 32.26 12.31 -23.92
CA GLU A 12 31.10 11.76 -23.25
C GLU A 12 31.39 10.39 -22.66
N THR A 13 32.06 9.52 -23.43
CA THR A 13 32.37 8.18 -22.94
C THR A 13 33.35 8.22 -21.77
N GLU A 14 34.28 9.18 -21.78
CA GLU A 14 35.25 9.27 -20.69
C GLU A 14 34.55 9.43 -19.34
N ILE A 15 33.65 10.42 -19.24
CA ILE A 15 32.90 10.60 -18.00
C ILE A 15 32.03 9.37 -17.73
N SER A 16 31.55 8.72 -18.80
CA SER A 16 30.74 7.50 -18.63
C SER A 16 31.59 6.32 -18.20
N GLN A 17 32.86 6.27 -18.63
CA GLN A 17 33.75 5.19 -18.25
C GLN A 17 34.06 5.19 -16.75
N ILE A 18 33.90 6.34 -16.09
CA ILE A 18 34.17 6.42 -14.65
C ILE A 18 32.92 6.09 -13.85
N VAL A 19 31.74 6.52 -14.31
CA VAL A 19 30.51 6.29 -13.56
C VAL A 19 30.28 4.79 -13.39
N GLU A 20 30.46 4.02 -14.46
CA GLU A 20 30.28 2.58 -14.36
C GLU A 20 31.15 1.99 -13.27
N TRP A 21 32.36 2.53 -13.09
CA TRP A 21 33.20 2.10 -11.98
C TRP A 21 32.60 2.52 -10.64
N ILE A 22 31.84 3.61 -10.62
CA ILE A 22 31.12 4.01 -9.41
C ILE A 22 29.76 3.33 -9.31
N GLU A 23 29.19 2.89 -10.44
CA GLU A 23 27.91 2.19 -10.40
C GLU A 23 28.00 0.95 -9.51
N GLN A 24 28.93 0.05 -9.83
CA GLN A 24 29.07 -1.20 -9.09
C GLN A 24 29.44 -0.93 -7.64
N ARG A 25 30.55 -0.21 -7.42
CA ARG A 25 31.01 0.07 -6.06
C ARG A 25 29.88 0.62 -5.19
N TYR A 26 29.03 1.47 -5.77
CA TYR A 26 27.86 1.97 -5.07
C TYR A 26 26.73 0.95 -5.02
N GLN A 27 26.71 0.01 -5.97
CA GLN A 27 25.66 -1.01 -6.01
C GLN A 27 25.91 -2.16 -5.06
N GLN A 28 27.18 -2.45 -4.75
CA GLN A 28 27.49 -3.56 -3.86
C GLN A 28 27.08 -3.24 -2.42
N THR A 29 27.50 -2.09 -1.91
CA THR A 29 27.14 -1.71 -0.55
C THR A 29 25.63 -1.53 -0.40
N LYS A 30 24.91 -1.29 -1.50
CA LYS A 30 23.45 -1.36 -1.44
C LYS A 30 23.00 -2.75 -1.01
N ALA A 31 23.51 -3.78 -1.68
CA ALA A 31 23.14 -5.16 -1.33
C ALA A 31 23.59 -5.49 0.10
N HIS A 32 24.81 -5.08 0.46
CA HIS A 32 25.27 -5.28 1.84
C HIS A 32 24.32 -4.62 2.82
N GLN A 33 23.97 -3.35 2.59
CA GLN A 33 23.00 -2.68 3.45
C GLN A 33 21.61 -3.28 3.29
N THR A 34 21.25 -3.71 2.08
CA THR A 34 19.94 -4.31 1.87
C THR A 34 19.86 -5.69 2.53
N LEU A 35 20.90 -6.52 2.35
CA LEU A 35 20.91 -7.83 2.99
C LEU A 35 20.85 -7.69 4.51
N ALA A 36 21.67 -6.80 5.07
CA ALA A 36 21.65 -6.58 6.51
C ALA A 36 20.29 -6.05 6.97
N ALA A 37 19.60 -5.30 6.12
CA ALA A 37 18.25 -4.84 6.45
C ALA A 37 17.26 -5.99 6.42
N TRP A 38 17.49 -6.99 5.56
CA TRP A 38 16.60 -8.15 5.53
C TRP A 38 16.77 -9.01 6.76
N GLU A 39 18.01 -9.22 7.20
CA GLU A 39 18.25 -10.01 8.42
C GLU A 39 17.43 -9.49 9.58
N TYR A 40 17.52 -8.19 9.85
CA TYR A 40 16.71 -7.57 10.90
C TYR A 40 15.23 -7.54 10.52
N GLY A 41 14.91 -7.58 9.22
CA GLY A 41 13.52 -7.56 8.81
C GLY A 41 12.80 -8.85 9.15
N SER A 42 13.49 -9.99 9.01
CA SER A 42 12.91 -11.29 9.28
C SER A 42 13.37 -11.89 10.59
N ASN A 43 14.21 -11.18 11.36
CA ASN A 43 14.75 -11.70 12.61
C ASN A 43 15.11 -10.49 13.48
N LEU A 44 14.13 -9.98 14.20
CA LEU A 44 14.30 -8.78 15.01
C LEU A 44 15.18 -9.10 16.22
N THR A 45 16.47 -8.78 16.12
CA THR A 45 17.41 -9.00 17.20
C THR A 45 18.28 -7.77 17.36
N GLU A 46 18.66 -7.46 18.60
CA GLU A 46 19.61 -6.39 18.84
C GLU A 46 20.88 -6.61 18.02
N PHE A 47 21.31 -7.87 17.92
CA PHE A 47 22.50 -8.19 17.13
C PHE A 47 22.31 -7.83 15.67
N ASN A 48 21.12 -8.11 15.12
CA ASN A 48 20.87 -7.79 13.72
C ASN A 48 20.66 -6.29 13.51
N LEU A 49 20.12 -5.59 14.51
CA LEU A 49 20.00 -4.14 14.41
C LEU A 49 21.37 -3.48 14.39
N SER A 50 22.30 -3.97 15.21
CA SER A 50 23.65 -3.41 15.24
C SER A 50 24.40 -3.65 13.94
N LYS A 51 23.99 -4.65 13.16
CA LYS A 51 24.64 -4.92 11.87
C LYS A 51 23.95 -4.21 10.71
N LYS A 52 22.64 -4.01 10.79
CA LYS A 52 21.94 -3.26 9.76
C LYS A 52 22.42 -1.81 9.72
N THR A 53 22.48 -1.17 10.88
CA THR A 53 22.90 0.23 10.93
C THR A 53 24.36 0.39 10.53
N LYS A 54 25.19 -0.64 10.75
CA LYS A 54 26.58 -0.56 10.32
C LYS A 54 26.68 -0.51 8.81
N ALA A 55 26.07 -1.48 8.11
CA ALA A 55 26.08 -1.47 6.66
C ALA A 55 25.48 -0.19 6.12
N ALA A 56 24.46 0.34 6.79
CA ALA A 56 23.91 1.64 6.40
C ALA A 56 24.95 2.73 6.59
N ALA A 57 25.56 2.81 7.77
CA ALA A 57 26.63 3.76 8.00
C ALA A 57 27.77 3.52 7.03
N ASP A 58 28.19 2.26 6.87
CA ASP A 58 29.19 1.93 5.87
C ASP A 58 28.76 2.35 4.48
N PHE A 59 27.44 2.37 4.23
CA PHE A 59 26.95 2.80 2.93
C PHE A 59 26.93 4.32 2.81
N ALA A 60 26.42 5.00 3.85
CA ALA A 60 26.40 6.45 3.84
C ALA A 60 27.79 7.01 3.53
N GLU A 61 28.83 6.39 4.09
CA GLU A 61 30.19 6.80 3.76
C GLU A 61 30.46 6.68 2.27
N VAL A 62 29.84 5.70 1.61
CA VAL A 62 30.03 5.54 0.18
C VAL A 62 29.28 6.61 -0.60
N ALA A 63 27.99 6.79 -0.29
CA ALA A 63 27.20 7.80 -0.98
C ALA A 63 27.78 9.20 -0.81
N LYS A 64 28.25 9.51 0.40
CA LYS A 64 28.86 10.81 0.64
C LYS A 64 30.04 11.05 -0.29
N ALA A 65 30.87 10.03 -0.49
CA ALA A 65 32.03 10.18 -1.37
C ALA A 65 31.65 10.12 -2.84
N VAL A 66 30.64 9.31 -3.19
CA VAL A 66 30.22 9.22 -4.59
C VAL A 66 29.69 10.56 -5.08
N ALA A 67 29.14 11.37 -4.18
CA ALA A 67 28.58 12.66 -4.60
C ALA A 67 29.66 13.60 -5.10
N GLU A 68 30.64 13.93 -4.24
CA GLU A 68 31.66 14.89 -4.62
C GLU A 68 32.50 14.40 -5.79
N GLU A 69 32.66 13.08 -5.93
CA GLU A 69 33.38 12.53 -7.07
C GLU A 69 32.64 12.73 -8.39
N LEU A 70 31.42 13.26 -8.35
CA LEU A 70 30.62 13.46 -9.56
C LEU A 70 30.47 14.95 -9.86
N ALA A 81 22.26 12.53 -22.92
CA ALA A 81 21.14 12.79 -22.03
C ALA A 81 21.14 11.83 -20.84
N THR A 82 21.33 10.55 -21.14
CA THR A 82 21.36 9.54 -20.08
C THR A 82 22.39 9.90 -19.02
N LEU A 83 23.59 10.32 -19.44
CA LEU A 83 24.67 10.65 -18.52
C LEU A 83 24.21 11.63 -17.45
N LYS A 84 23.87 12.85 -17.86
CA LYS A 84 23.55 13.91 -16.91
C LYS A 84 22.53 13.42 -15.88
N ARG A 85 21.60 12.56 -16.30
CA ARG A 85 20.69 11.93 -15.34
C ARG A 85 21.47 11.15 -14.28
N ARG A 86 22.37 10.27 -14.73
CA ARG A 86 23.11 9.43 -13.79
C ARG A 86 23.93 10.28 -12.83
N ILE A 87 24.58 11.33 -13.34
CA ILE A 87 25.45 12.15 -12.50
C ILE A 87 24.66 12.78 -11.35
N LYS A 88 23.36 12.99 -11.54
CA LYS A 88 22.52 13.57 -10.51
C LYS A 88 21.47 12.61 -9.97
N LYS A 89 21.25 11.47 -10.63
CA LYS A 89 20.35 10.45 -10.13
C LYS A 89 21.04 9.47 -9.18
N LEU A 90 22.37 9.49 -9.14
CA LEU A 90 23.16 8.65 -8.23
C LEU A 90 23.63 9.41 -7.00
N ALA A 91 23.31 10.69 -6.89
CA ALA A 91 23.83 11.52 -5.81
C ALA A 91 22.76 11.93 -4.80
N LYS A 92 21.50 11.47 -4.98
CA LYS A 92 20.46 11.80 -4.02
C LYS A 92 20.79 11.16 -2.68
N LEU A 93 21.48 11.92 -1.81
CA LEU A 93 21.89 11.39 -0.52
C LEU A 93 20.72 10.78 0.25
N GLY A 94 19.57 11.45 0.23
CA GLY A 94 18.46 11.03 1.06
C GLY A 94 18.67 11.44 2.50
N TYR A 95 19.08 10.49 3.33
CA TYR A 95 19.48 10.77 4.71
C TYR A 95 20.99 10.79 4.87
N ALA A 96 21.75 10.45 3.82
CA ALA A 96 23.20 10.40 3.89
C ALA A 96 23.85 11.77 4.02
N ALA A 97 23.07 12.85 3.94
CA ALA A 97 23.63 14.20 4.08
C ALA A 97 23.95 14.54 5.52
N LEU A 98 23.38 13.83 6.49
CA LEU A 98 23.64 14.09 7.88
C LEU A 98 24.96 13.48 8.32
N PRO A 99 25.58 14.01 9.37
CA PRO A 99 26.79 13.37 9.92
C PRO A 99 26.48 11.96 10.39
N ALA A 100 27.55 11.15 10.49
CA ALA A 100 27.37 9.75 10.85
C ALA A 100 26.63 9.59 12.17
N ASP A 101 26.88 10.50 13.12
CA ASP A 101 26.21 10.41 14.41
C ASP A 101 24.72 10.69 14.29
N GLN A 102 24.35 11.71 13.49
CA GLN A 102 22.94 12.00 13.27
C GLN A 102 22.30 10.99 12.33
N PHE A 103 23.09 10.40 11.42
CA PHE A 103 22.55 9.36 10.54
C PHE A 103 22.10 8.15 11.34
N LYS A 104 22.97 7.65 12.24
CA LYS A 104 22.56 6.60 13.16
C LYS A 104 21.35 7.02 13.98
N GLU A 105 21.38 8.25 14.50
CA GLU A 105 20.30 8.73 15.36
C GLU A 105 18.96 8.69 14.65
N LEU A 106 18.96 9.00 13.35
CA LEU A 106 17.71 8.97 12.58
C LEU A 106 17.21 7.54 12.42
N LEU A 107 18.03 6.66 11.82
CA LEU A 107 17.62 5.28 11.63
C LEU A 107 17.31 4.60 12.96
N GLY A 108 18.01 4.99 14.03
CA GLY A 108 17.71 4.42 15.34
C GLY A 108 16.30 4.72 15.79
N ALA A 109 15.87 5.98 15.64
CA ALA A 109 14.51 6.35 16.04
C ALA A 109 13.48 5.64 15.18
N ILE A 110 13.77 5.45 13.89
CA ILE A 110 12.83 4.76 13.01
C ILE A 110 12.66 3.31 13.44
N ALA A 111 13.77 2.57 13.53
CA ALA A 111 13.69 1.17 13.92
C ALA A 111 13.02 1.01 15.28
N SER A 112 13.23 1.98 16.20
CA SER A 112 12.59 1.91 17.50
C SER A 112 11.07 1.94 17.37
N MET A 113 10.56 2.54 16.30
CA MET A 113 9.12 2.55 16.07
C MET A 113 8.67 1.27 15.37
N GLU A 114 9.41 0.86 14.34
CA GLU A 114 9.07 -0.39 13.64
C GLU A 114 9.20 -1.58 14.57
N SER A 115 10.27 -1.61 15.38
CA SER A 115 10.42 -2.68 16.36
C SER A 115 9.21 -2.72 17.30
N ASN A 116 8.84 -1.57 17.86
CA ASN A 116 7.67 -1.51 18.72
C ASN A 116 6.41 -1.96 17.99
N TYR A 117 6.37 -1.80 16.67
CA TYR A 117 5.18 -2.15 15.89
C TYR A 117 5.06 -3.66 15.68
N ALA A 118 6.18 -4.32 15.36
CA ALA A 118 6.14 -5.74 15.02
C ALA A 118 6.18 -6.66 16.24
N LYS A 119 6.72 -6.19 17.35
CA LYS A 119 6.85 -7.02 18.55
C LYS A 119 5.64 -6.94 19.46
N ALA A 120 4.63 -6.15 19.12
CA ALA A 120 3.49 -5.95 20.01
C ALA A 120 2.73 -7.25 20.22
N LYS A 121 2.39 -7.52 21.49
CA LYS A 121 1.61 -8.68 21.86
C LYS A 121 0.51 -8.25 22.81
N PHE A 122 -0.60 -8.99 22.83
CA PHE A 122 -1.80 -8.57 23.53
C PHE A 122 -2.46 -9.75 24.22
N CYS A 123 -3.29 -9.44 25.20
CA CYS A 123 -4.05 -10.44 25.94
C CYS A 123 -5.46 -10.52 25.37
N ALA A 124 -5.98 -11.74 25.29
CA ALA A 124 -7.29 -11.97 24.70
C ALA A 124 -8.36 -11.17 25.44
N TYR A 125 -9.48 -10.97 24.77
CA TYR A 125 -10.61 -10.23 25.33
C TYR A 125 -11.37 -11.18 26.25
N GLY A 126 -11.20 -11.00 27.56
CA GLY A 126 -11.83 -11.86 28.54
C GLY A 126 -10.97 -12.99 29.05
N ASP A 127 -9.67 -12.98 28.77
CA ASP A 127 -8.77 -14.03 29.22
C ASP A 127 -7.39 -13.41 29.40
N ALA A 128 -7.02 -13.16 30.66
CA ALA A 128 -5.72 -12.57 30.96
C ALA A 128 -4.59 -13.59 30.97
N THR A 129 -4.90 -14.89 31.00
CA THR A 129 -3.86 -15.90 30.97
C THR A 129 -3.25 -16.06 29.59
N LYS A 130 -4.03 -15.81 28.54
CA LYS A 130 -3.59 -15.94 27.16
C LYS A 130 -3.16 -14.56 26.67
N CYS A 131 -1.85 -14.36 26.50
CA CYS A 131 -1.29 -13.07 26.11
C CYS A 131 -0.21 -13.27 25.04
N ASP A 132 -0.55 -13.99 23.98
CA ASP A 132 0.35 -14.20 22.85
C ASP A 132 -0.24 -13.68 21.55
N LEU A 133 -1.37 -12.98 21.60
CA LEU A 133 -2.00 -12.48 20.40
C LEU A 133 -1.12 -11.43 19.72
N SER A 134 -1.12 -11.45 18.39
CA SER A 134 -0.34 -10.52 17.59
C SER A 134 -1.22 -9.91 16.52
N LEU A 135 -0.72 -8.85 15.88
CA LEU A 135 -1.41 -8.25 14.75
C LEU A 135 -1.79 -9.34 13.76
N ASP A 136 -0.77 -9.90 13.09
CA ASP A 136 -0.96 -11.03 12.20
C ASP A 136 -0.72 -12.32 12.98
N PRO A 137 -1.67 -13.25 13.03
CA PRO A 137 -2.99 -13.34 12.42
C PRO A 137 -4.19 -12.96 13.29
N GLU A 138 -4.03 -13.01 14.62
CA GLU A 138 -5.18 -12.93 15.50
C GLU A 138 -5.93 -11.62 15.33
N LEU A 139 -5.26 -10.49 15.61
CA LEU A 139 -5.94 -9.20 15.53
C LEU A 139 -6.46 -8.92 14.13
N THR A 140 -5.68 -9.23 13.10
CA THR A 140 -6.12 -9.00 11.73
C THR A 140 -7.41 -9.75 11.44
N GLU A 141 -7.54 -10.97 11.94
CA GLU A 141 -8.72 -11.79 11.69
C GLU A 141 -9.84 -11.52 12.67
N ILE A 142 -9.55 -10.99 13.86
CA ILE A 142 -10.61 -10.59 14.78
C ILE A 142 -11.47 -9.49 14.15
N PHE A 143 -10.83 -8.39 13.76
CA PHE A 143 -11.56 -7.30 13.13
C PHE A 143 -12.25 -7.77 11.86
N ALA A 144 -11.58 -8.61 11.07
CA ALA A 144 -12.11 -9.01 9.77
C ALA A 144 -13.34 -9.90 9.90
N ASN A 145 -13.59 -10.51 11.05
CA ASN A 145 -14.67 -11.49 11.18
C ASN A 145 -15.50 -11.37 12.44
N HIS A 146 -15.01 -10.75 13.52
CA HIS A 146 -15.82 -10.58 14.72
C HIS A 146 -16.75 -9.38 14.58
N ARG A 147 -18.01 -9.56 14.98
CA ARG A 147 -19.01 -8.51 14.91
C ARG A 147 -19.50 -8.13 16.30
N GLU A 148 -18.59 -8.12 17.27
CA GLU A 148 -18.92 -7.73 18.64
C GLU A 148 -18.32 -6.36 18.92
N PRO A 149 -19.13 -5.29 19.02
CA PRO A 149 -18.54 -3.95 19.17
C PRO A 149 -17.58 -3.83 20.34
N GLU A 150 -18.02 -4.18 21.55
CA GLU A 150 -17.15 -4.03 22.72
C GLU A 150 -15.85 -4.79 22.54
N GLU A 151 -15.87 -5.91 21.82
CA GLU A 151 -14.62 -6.64 21.55
C GLU A 151 -13.75 -5.87 20.57
N LEU A 152 -14.32 -5.49 19.42
CA LEU A 152 -13.56 -4.72 18.44
C LEU A 152 -12.99 -3.46 19.06
N LYS A 153 -13.75 -2.81 19.93
CA LYS A 153 -13.26 -1.61 20.60
C LYS A 153 -12.09 -1.92 21.52
N TYR A 154 -12.22 -2.99 22.31
CA TYR A 154 -11.14 -3.37 23.22
C TYR A 154 -9.83 -3.56 22.47
N TYR A 155 -9.86 -4.34 21.38
CA TYR A 155 -8.64 -4.57 20.61
C TYR A 155 -8.18 -3.32 19.89
N TRP A 156 -9.12 -2.42 19.55
CA TRP A 156 -8.73 -1.17 18.92
C TRP A 156 -7.89 -0.32 19.86
N VAL A 157 -8.38 -0.09 21.08
CA VAL A 157 -7.63 0.69 22.05
C VAL A 157 -6.31 0.00 22.37
N GLN A 158 -6.35 -1.32 22.60
CA GLN A 158 -5.14 -2.05 22.92
C GLN A 158 -4.09 -1.88 21.83
N TRP A 159 -4.51 -1.92 20.57
CA TRP A 159 -3.55 -1.82 19.46
C TRP A 159 -2.93 -0.43 19.38
N TYR A 160 -3.74 0.61 19.56
CA TYR A 160 -3.24 1.98 19.40
C TYR A 160 -2.45 2.43 20.63
N ASN A 161 -2.95 2.14 21.84
CA ASN A 161 -2.21 2.51 23.04
C ASN A 161 -0.87 1.80 23.12
N ALA A 162 -0.67 0.75 22.33
CA ALA A 162 0.59 -0.01 22.36
C ALA A 162 1.52 0.35 21.21
N THR A 163 1.00 0.67 20.03
CA THR A 163 1.81 0.97 18.86
C THR A 163 1.89 2.46 18.55
N GLY A 164 1.17 3.29 19.29
CA GLY A 164 1.12 4.71 19.00
C GLY A 164 1.89 5.57 19.99
N ALA A 165 1.23 5.94 21.09
CA ALA A 165 1.84 6.86 22.05
C ALA A 165 3.20 6.40 22.55
N PRO A 166 3.44 5.11 22.83
CA PRO A 166 4.74 4.70 23.41
C PRO A 166 5.95 5.13 22.59
N VAL A 167 5.76 5.45 21.32
CA VAL A 167 6.87 5.86 20.45
C VAL A 167 6.76 7.34 20.07
N ARG A 168 6.02 8.13 20.85
CA ARG A 168 5.94 9.56 20.58
C ARG A 168 7.32 10.20 20.58
N GLU A 169 8.09 9.96 21.65
CA GLU A 169 9.41 10.58 21.78
C GLU A 169 10.32 10.16 20.63
N SER A 170 10.33 8.86 20.30
CA SER A 170 11.16 8.41 19.19
C SER A 170 10.71 9.03 17.87
N PHE A 171 9.41 9.27 17.71
CA PHE A 171 8.92 9.86 16.47
C PHE A 171 9.41 11.29 16.31
N GLN A 172 9.22 12.11 17.35
CA GLN A 172 9.68 13.50 17.29
C GLN A 172 11.13 13.58 16.86
N LYS A 173 11.97 12.67 17.37
CA LYS A 173 13.36 12.62 16.96
C LYS A 173 13.47 12.30 15.47
N TYR A 174 12.67 11.34 15.00
CA TYR A 174 12.71 10.97 13.59
C TYR A 174 12.31 12.13 12.70
N VAL A 175 11.38 12.96 13.15
CA VAL A 175 10.90 14.08 12.34
C VAL A 175 11.99 15.12 12.17
N GLU A 176 12.58 15.58 13.28
CA GLU A 176 13.55 16.65 13.23
C GLU A 176 14.75 16.28 12.36
N LEU A 177 15.16 15.00 12.39
CA LEU A 177 16.28 14.57 11.58
C LEU A 177 15.88 14.36 10.12
N ASN A 178 14.66 13.90 9.88
CA ASN A 178 14.15 13.85 8.51
C ASN A 178 14.08 15.24 7.91
N ARG A 179 13.78 16.25 8.72
CA ARG A 179 13.76 17.63 8.23
C ARG A 179 15.18 18.13 7.98
N GLN A 180 16.11 17.81 8.89
CA GLN A 180 17.50 18.19 8.69
C GLN A 180 18.05 17.58 7.39
N ALA A 181 17.78 16.28 7.18
CA ALA A 181 18.21 15.64 5.95
C ALA A 181 17.62 16.33 4.73
N ALA A 182 16.36 16.74 4.81
CA ALA A 182 15.74 17.47 3.71
C ALA A 182 16.46 18.77 3.42
N LEU A 183 16.90 19.48 4.47
CA LEU A 183 17.61 20.74 4.26
C LEU A 183 18.98 20.49 3.65
N ARG A 184 19.78 19.60 4.25
CA ARG A 184 21.10 19.31 3.70
C ARG A 184 21.03 18.80 2.27
N ASN A 185 19.89 18.23 1.87
CA ASN A 185 19.65 17.85 0.47
C ASN A 185 19.13 19.01 -0.37
N ASN A 186 19.08 20.22 0.19
CA ASN A 186 18.57 21.40 -0.49
C ASN A 186 17.09 21.22 -0.85
N PHE A 187 16.27 21.23 0.20
CA PHE A 187 14.82 21.17 0.04
C PHE A 187 14.18 21.90 1.22
N SER A 188 12.90 22.23 1.06
CA SER A 188 12.18 22.98 2.09
C SER A 188 11.94 22.11 3.32
N SER A 189 11.25 20.99 3.14
CA SER A 189 10.96 20.09 4.24
C SER A 189 10.86 18.66 3.70
N GLY A 190 10.58 17.71 4.60
CA GLY A 190 10.42 16.33 4.18
C GLY A 190 9.35 16.16 3.11
N ALA A 191 8.29 16.97 3.18
CA ALA A 191 7.24 16.89 2.18
C ALA A 191 7.79 17.15 0.78
N ALA A 192 8.64 18.17 0.63
CA ALA A 192 9.24 18.45 -0.68
C ALA A 192 10.01 17.25 -1.21
N VAL A 193 10.54 16.42 -0.31
CA VAL A 193 11.32 15.25 -0.74
C VAL A 193 10.41 14.22 -1.37
N TRP A 194 9.41 13.74 -0.63
CA TRP A 194 8.51 12.71 -1.15
C TRP A 194 7.82 13.20 -2.42
N LEU A 195 7.47 14.48 -2.48
CA LEU A 195 6.86 15.03 -3.69
C LEU A 195 7.88 15.12 -4.81
N ASN A 196 9.11 15.53 -4.49
CA ASN A 196 10.16 15.60 -5.50
C ASN A 196 10.36 14.27 -6.21
N GLU A 197 9.94 13.16 -5.60
CA GLU A 197 10.09 11.86 -6.24
C GLU A 197 9.26 11.75 -7.51
N TYR A 198 8.12 12.44 -7.56
CA TYR A 198 7.25 12.41 -8.74
C TYR A 198 7.68 13.42 -9.79
N ASP A 199 8.56 14.35 -9.45
CA ASP A 199 9.11 15.32 -10.40
C ASP A 199 7.99 15.98 -11.21
N ASP A 200 7.21 16.78 -10.50
CA ASP A 200 6.11 17.52 -11.11
C ASP A 200 5.51 18.48 -10.07
N SER A 201 5.93 19.75 -10.11
CA SER A 201 5.42 20.73 -9.16
C SER A 201 3.89 20.74 -9.16
N THR A 202 3.28 20.42 -10.30
CA THR A 202 1.82 20.32 -10.41
C THR A 202 1.38 18.87 -10.22
N PHE A 203 1.70 18.34 -9.04
CA PHE A 203 1.25 17.00 -8.65
C PHE A 203 0.53 17.01 -7.32
N GLU A 204 1.03 17.74 -6.32
CA GLU A 204 0.29 17.92 -5.09
C GLU A 204 -1.10 18.47 -5.35
N GLN A 205 -1.25 19.27 -6.42
CA GLN A 205 -2.57 19.77 -6.79
C GLN A 205 -3.35 18.76 -7.63
N GLN A 206 -2.65 17.97 -8.45
CA GLN A 206 -3.33 16.92 -9.21
C GLN A 206 -4.05 15.96 -8.27
N VAL A 207 -3.37 15.53 -7.21
CA VAL A 207 -3.97 14.62 -6.25
C VAL A 207 -5.23 15.24 -5.64
N ASP A 208 -5.12 16.48 -5.17
CA ASP A 208 -6.28 17.16 -4.59
C ASP A 208 -7.45 17.15 -5.56
N ASP A 209 -7.19 17.32 -6.85
CA ASP A 209 -8.27 17.32 -7.84
C ASP A 209 -8.94 15.96 -7.93
N VAL A 210 -8.13 14.88 -7.99
CA VAL A 210 -8.70 13.54 -8.13
C VAL A 210 -9.58 13.20 -6.94
N ILE A 211 -9.14 13.57 -5.74
CA ILE A 211 -9.94 13.29 -4.55
C ILE A 211 -11.32 13.92 -4.68
N GLU A 212 -11.40 15.16 -5.17
CA GLU A 212 -12.69 15.80 -5.36
C GLU A 212 -13.53 15.04 -6.37
N GLN A 213 -12.93 14.60 -7.48
CA GLN A 213 -13.66 13.81 -8.46
C GLN A 213 -14.20 12.53 -7.85
N ILE A 214 -13.55 12.03 -6.79
CA ILE A 214 -13.98 10.79 -6.15
C ILE A 214 -14.95 11.04 -4.99
N ARG A 215 -14.95 12.24 -4.40
CA ARG A 215 -15.77 12.48 -3.22
C ARG A 215 -17.24 12.17 -3.44
N PRO A 216 -17.91 12.68 -4.47
CA PRO A 216 -19.33 12.34 -4.66
C PRO A 216 -19.60 10.85 -4.62
N LEU A 217 -18.68 10.04 -5.15
CA LEU A 217 -18.88 8.60 -5.15
C LEU A 217 -18.66 8.02 -3.77
N TYR A 218 -17.55 8.37 -3.12
CA TYR A 218 -17.23 7.78 -1.82
C TYR A 218 -18.29 8.12 -0.79
N GLU A 219 -18.77 9.37 -0.79
CA GLU A 219 -19.77 9.76 0.19
C GLU A 219 -21.06 8.99 0.01
N GLN A 220 -21.50 8.79 -1.24
CA GLN A 220 -22.67 7.96 -1.49
C GLN A 220 -22.43 6.54 -0.99
N LEU A 221 -21.26 5.97 -1.27
CA LEU A 221 -20.93 4.65 -0.74
C LEU A 221 -20.80 4.69 0.77
N HIS A 222 -20.16 5.74 1.32
CA HIS A 222 -20.05 5.88 2.77
C HIS A 222 -21.42 5.88 3.42
N ALA A 223 -22.35 6.67 2.89
CA ALA A 223 -23.69 6.73 3.45
C ALA A 223 -24.35 5.35 3.42
N TYR A 224 -24.21 4.66 2.29
CA TYR A 224 -24.80 3.32 2.16
C TYR A 224 -24.28 2.40 3.26
N VAL A 225 -22.96 2.31 3.39
CA VAL A 225 -22.38 1.44 4.42
C VAL A 225 -22.91 1.84 5.79
N ARG A 226 -22.87 3.13 6.11
CA ARG A 226 -23.26 3.59 7.44
C ARG A 226 -24.67 3.14 7.79
N TYR A 227 -25.61 3.30 6.85
CA TYR A 227 -26.99 2.92 7.14
C TYR A 227 -27.08 1.44 7.50
N LYS A 228 -26.46 0.58 6.69
CA LYS A 228 -26.53 -0.86 6.94
C LYS A 228 -25.77 -1.23 8.20
N LEU A 229 -24.62 -0.58 8.45
CA LEU A 229 -23.94 -0.77 9.72
C LEU A 229 -24.85 -0.36 10.88
N ARG A 230 -25.73 0.62 10.65
CA ARG A 230 -26.70 1.00 11.66
C ARG A 230 -27.81 -0.05 11.76
N GLN A 231 -28.20 -0.64 10.63
CA GLN A 231 -29.14 -1.76 10.66
C GLN A 231 -28.65 -2.85 11.60
N LYS A 232 -27.41 -3.29 11.41
CA LYS A 232 -26.91 -4.46 12.13
C LYS A 232 -26.69 -4.15 13.61
N TYR A 233 -25.85 -3.16 13.91
CA TYR A 233 -25.44 -2.89 15.28
C TYR A 233 -26.42 -2.03 16.05
N GLY A 234 -27.24 -1.24 15.37
CA GLY A 234 -28.22 -0.39 16.02
C GLY A 234 -27.81 1.07 16.00
N ASP A 235 -28.79 1.92 16.35
CA ASP A 235 -28.57 3.36 16.31
C ASP A 235 -27.65 3.83 17.43
N LYS A 236 -27.66 3.14 18.57
CA LYS A 236 -26.85 3.57 19.70
C LYS A 236 -25.36 3.55 19.33
N LEU A 237 -24.96 2.60 18.49
CA LEU A 237 -23.55 2.45 18.13
C LEU A 237 -23.19 3.20 16.85
N VAL A 238 -24.14 3.43 15.96
CA VAL A 238 -23.90 4.09 14.68
C VAL A 238 -24.84 5.27 14.55
N SER A 239 -24.29 6.47 14.56
CA SER A 239 -25.09 7.67 14.34
C SER A 239 -25.40 7.81 12.85
N PRO A 240 -26.65 8.14 12.48
CA PRO A 240 -26.97 8.31 11.06
C PRO A 240 -26.36 9.56 10.44
N THR A 241 -25.87 10.49 11.25
CA THR A 241 -25.36 11.77 10.76
C THR A 241 -23.90 12.02 11.11
N GLY A 242 -23.30 11.18 11.95
CA GLY A 242 -21.92 11.37 12.35
C GLY A 242 -20.98 10.38 11.66
N PRO A 243 -19.68 10.61 11.78
CA PRO A 243 -18.71 9.69 11.19
C PRO A 243 -18.89 8.27 11.70
N ILE A 244 -18.41 7.32 10.91
CA ILE A 244 -18.59 5.90 11.23
C ILE A 244 -17.51 5.48 12.23
N PRO A 245 -17.88 4.82 13.33
CA PRO A 245 -16.85 4.22 14.20
C PRO A 245 -15.97 3.25 13.42
N MET A 246 -14.70 3.61 13.25
CA MET A 246 -13.82 2.87 12.34
C MET A 246 -13.63 1.42 12.76
N HIS A 247 -13.84 1.09 14.04
CA HIS A 247 -13.60 -0.27 14.50
C HIS A 247 -14.67 -1.24 14.03
N LEU A 248 -15.70 -0.77 13.33
CA LEU A 248 -16.76 -1.63 12.81
C LEU A 248 -16.60 -1.90 11.31
N LEU A 249 -15.50 -1.44 10.70
CA LEU A 249 -15.29 -1.57 9.27
C LEU A 249 -14.36 -2.73 8.92
N GLY A 250 -14.22 -3.71 9.81
CA GLY A 250 -13.47 -4.91 9.53
C GLY A 250 -11.99 -4.69 9.29
N ASN A 251 -11.48 -3.51 9.65
CA ASN A 251 -10.08 -3.19 9.45
C ASN A 251 -9.65 -2.20 10.51
N LEU A 252 -8.45 -2.43 11.06
CA LEU A 252 -7.95 -1.58 12.14
C LEU A 252 -7.90 -0.12 11.73
N TRP A 253 -7.49 0.15 10.49
CA TRP A 253 -7.31 1.52 10.01
C TRP A 253 -8.44 1.96 9.09
N ALA A 254 -9.42 1.11 8.83
CA ALA A 254 -10.55 1.44 7.96
C ALA A 254 -10.11 1.83 6.56
N GLN A 255 -8.90 1.42 6.15
CA GLN A 255 -8.43 1.73 4.80
C GLN A 255 -9.16 0.89 3.76
N THR A 256 -9.62 -0.29 4.14
CA THR A 256 -10.44 -1.12 3.27
C THR A 256 -11.53 -1.75 4.10
N TRP A 257 -12.75 -1.77 3.56
CA TRP A 257 -13.91 -2.32 4.25
C TRP A 257 -14.33 -3.67 3.65
N ASP A 258 -13.40 -4.35 2.97
CA ASP A 258 -13.76 -5.60 2.30
C ASP A 258 -14.26 -6.64 3.29
N ASN A 259 -13.68 -6.65 4.50
CA ASN A 259 -14.05 -7.68 5.47
C ASN A 259 -15.50 -7.58 5.94
N ILE A 260 -16.22 -6.53 5.57
CA ILE A 260 -17.63 -6.39 5.88
C ILE A 260 -18.49 -6.26 4.63
N ALA A 261 -17.90 -6.46 3.45
CA ALA A 261 -18.67 -6.37 2.21
C ALA A 261 -19.85 -7.33 2.24
N ASP A 262 -19.63 -8.57 2.69
CA ASP A 262 -20.73 -9.52 2.80
C ASP A 262 -21.63 -9.19 3.98
N PHE A 263 -21.06 -8.64 5.06
CA PHE A 263 -21.87 -8.31 6.23
C PHE A 263 -22.90 -7.23 5.93
N THR A 264 -22.59 -6.33 4.99
CA THR A 264 -23.48 -5.26 4.59
C THR A 264 -23.64 -5.22 3.08
N THR A 265 -24.01 -6.37 2.50
CA THR A 265 -24.13 -6.45 1.06
C THR A 265 -25.53 -6.01 0.62
N PRO A 266 -25.65 -5.39 -0.56
CA PRO A 266 -26.97 -4.94 -1.02
C PRO A 266 -28.03 -6.03 -0.95
N PHE A 267 -27.79 -7.12 -1.68
CA PHE A 267 -28.73 -8.25 -1.73
C PHE A 267 -28.03 -9.50 -1.24
N PRO A 268 -28.28 -9.93 0.01
CA PRO A 268 -27.54 -11.09 0.54
C PRO A 268 -27.92 -12.40 -0.13
N GLU A 269 -29.17 -12.56 -0.56
CA GLU A 269 -29.63 -13.82 -1.16
C GLU A 269 -29.10 -13.94 -2.59
N LYS A 270 -27.78 -13.92 -2.70
CA LYS A 270 -27.11 -14.02 -3.99
C LYS A 270 -25.80 -14.77 -3.78
N LYS A 271 -25.06 -14.97 -4.87
CA LYS A 271 -23.79 -15.64 -4.78
C LYS A 271 -22.70 -14.68 -4.33
N LEU A 272 -21.84 -15.15 -3.44
CA LEU A 272 -20.78 -14.33 -2.87
C LEU A 272 -19.57 -14.34 -3.80
N LEU A 273 -18.50 -13.68 -3.36
CA LEU A 273 -17.18 -13.82 -3.96
C LEU A 273 -16.16 -13.90 -2.84
N ASP A 274 -16.43 -14.77 -1.85
CA ASP A 274 -15.51 -14.93 -0.74
C ASP A 274 -14.27 -15.70 -1.16
N VAL A 275 -14.44 -16.74 -2.00
CA VAL A 275 -13.35 -17.61 -2.42
C VAL A 275 -12.49 -17.93 -1.19
N THR A 276 -13.12 -18.49 -0.16
CA THR A 276 -12.41 -18.90 1.05
C THR A 276 -12.54 -20.40 1.23
N ASP A 277 -13.71 -20.89 1.65
CA ASP A 277 -13.89 -22.32 1.86
C ASP A 277 -13.49 -23.12 0.62
N GLU A 278 -13.72 -22.56 -0.57
CA GLU A 278 -13.28 -23.23 -1.78
C GLU A 278 -11.76 -23.17 -1.95
N MET A 279 -11.08 -22.31 -1.20
CA MET A 279 -9.64 -22.46 -1.06
C MET A 279 -9.31 -23.52 -0.01
N ILE A 280 -10.13 -23.62 1.03
CA ILE A 280 -9.94 -24.66 2.04
C ILE A 280 -10.32 -26.02 1.48
N ARG A 281 -11.52 -26.13 0.90
CA ARG A 281 -11.95 -27.38 0.29
C ARG A 281 -10.88 -27.95 -0.63
N GLN A 282 -10.35 -27.12 -1.51
CA GLN A 282 -9.30 -27.52 -2.43
C GLN A 282 -7.91 -27.51 -1.81
N GLY A 283 -7.84 -27.50 -0.47
CA GLY A 283 -6.57 -27.59 0.24
C GLY A 283 -5.53 -26.62 -0.28
N TYR A 284 -5.76 -25.32 -0.12
CA TYR A 284 -4.80 -24.33 -0.56
C TYR A 284 -3.72 -24.12 0.49
N THR A 285 -2.53 -23.81 0.02
CA THR A 285 -1.38 -23.53 0.88
C THR A 285 -0.76 -22.20 0.45
N PRO A 286 -0.07 -21.52 1.37
CA PRO A 286 0.58 -20.26 0.99
C PRO A 286 1.48 -20.38 -0.24
N ILE A 287 2.19 -21.50 -0.39
CA ILE A 287 3.04 -21.68 -1.56
C ILE A 287 2.20 -21.85 -2.82
N LYS A 288 1.07 -22.57 -2.70
CA LYS A 288 0.18 -22.74 -3.84
C LYS A 288 -0.26 -21.40 -4.41
N MET A 289 -0.67 -20.49 -3.53
CA MET A 289 -1.12 -19.17 -3.98
C MET A 289 -0.04 -18.47 -4.79
N PHE A 290 1.17 -18.40 -4.24
CA PHE A 290 2.27 -17.71 -4.93
C PHE A 290 2.55 -18.35 -6.29
N GLN A 291 2.34 -19.66 -6.42
CA GLN A 291 2.54 -20.32 -7.71
C GLN A 291 1.55 -19.79 -8.73
N MET A 292 0.27 -19.67 -8.35
CA MET A 292 -0.73 -19.13 -9.26
C MET A 292 -0.39 -17.69 -9.64
N GLY A 293 0.29 -16.96 -8.76
CA GLY A 293 0.74 -15.62 -9.12
C GLY A 293 1.84 -15.67 -10.18
N ASP A 294 2.87 -16.47 -9.95
CA ASP A 294 3.87 -16.70 -10.98
C ASP A 294 3.22 -17.20 -12.26
N ASP A 295 2.19 -18.03 -12.15
CA ASP A 295 1.48 -18.52 -13.32
C ASP A 295 0.93 -17.38 -14.17
N PHE A 296 0.57 -16.27 -13.53
CA PHE A 296 0.00 -15.14 -14.28
C PHE A 296 1.06 -14.45 -15.11
N PHE A 297 2.15 -14.00 -14.46
CA PHE A 297 3.17 -13.23 -15.16
C PHE A 297 3.73 -14.00 -16.35
N THR A 298 3.96 -15.30 -16.18
CA THR A 298 4.50 -16.10 -17.28
C THR A 298 3.56 -16.11 -18.48
N SER A 299 2.26 -16.25 -18.24
CA SER A 299 1.30 -16.26 -19.34
C SER A 299 1.39 -14.98 -20.16
N LEU A 300 1.85 -13.88 -19.55
CA LEU A 300 2.02 -12.61 -20.24
C LEU A 300 3.38 -12.51 -20.93
N ASN A 301 4.06 -13.63 -21.13
CA ASN A 301 5.38 -13.65 -21.77
C ASN A 301 6.40 -12.85 -20.97
N MET A 302 6.28 -12.86 -19.65
CA MET A 302 7.16 -12.12 -18.76
C MET A 302 8.10 -13.09 -18.04
N THR A 303 8.70 -12.63 -16.95
CA THR A 303 9.68 -13.43 -16.24
C THR A 303 9.01 -14.54 -15.46
N LYS A 304 9.64 -15.71 -15.44
CA LYS A 304 9.21 -16.82 -14.61
C LYS A 304 9.87 -16.72 -13.25
N LEU A 305 9.10 -16.95 -12.20
CA LEU A 305 9.59 -16.78 -10.84
C LEU A 305 10.80 -17.70 -10.61
N PRO A 306 12.00 -17.15 -10.34
CA PRO A 306 13.19 -18.01 -10.22
C PRO A 306 13.17 -18.87 -8.96
N GLN A 307 14.24 -19.63 -8.75
CA GLN A 307 14.34 -20.48 -7.58
C GLN A 307 14.93 -19.76 -6.37
N THR A 308 15.79 -18.76 -6.61
CA THR A 308 16.32 -17.97 -5.50
C THR A 308 15.20 -17.41 -4.64
N PHE A 309 14.02 -17.20 -5.22
CA PHE A 309 12.86 -16.75 -4.46
C PHE A 309 12.27 -17.89 -3.63
N TRP A 310 12.07 -19.05 -4.24
CA TRP A 310 11.50 -20.18 -3.53
C TRP A 310 12.34 -20.56 -2.31
N ASP A 311 13.63 -20.27 -2.34
CA ASP A 311 14.55 -20.69 -1.28
C ASP A 311 14.62 -19.67 -0.15
N LYS A 312 15.05 -18.46 -0.45
CA LYS A 312 15.37 -17.47 0.57
C LYS A 312 14.16 -16.66 1.03
N SER A 313 12.98 -16.91 0.48
CA SER A 313 11.79 -16.15 0.84
C SER A 313 11.10 -16.77 2.05
N ILE A 314 10.23 -15.98 2.68
CA ILE A 314 9.42 -16.42 3.81
C ILE A 314 7.97 -16.17 3.44
N LEU A 315 7.21 -17.26 3.25
CA LEU A 315 5.81 -17.18 2.85
C LEU A 315 4.86 -17.64 3.95
N GLU A 316 5.38 -17.91 5.15
CA GLU A 316 4.55 -18.29 6.28
C GLU A 316 5.15 -17.69 7.55
N LYS A 317 4.28 -17.35 8.49
CA LYS A 317 4.75 -16.86 9.78
C LYS A 317 5.58 -17.94 10.45
N PRO A 318 6.87 -17.73 10.68
CA PRO A 318 7.69 -18.75 11.32
C PRO A 318 7.08 -19.21 12.64
N THR A 319 6.93 -20.53 12.79
CA THR A 319 6.35 -21.12 13.99
C THR A 319 7.39 -21.41 15.07
N ASP A 320 8.50 -20.68 15.08
CA ASP A 320 9.54 -20.88 16.08
C ASP A 320 9.36 -19.97 17.29
N GLY A 321 8.91 -18.73 17.08
CA GLY A 321 8.69 -17.79 18.15
C GLY A 321 9.52 -16.53 18.09
N ARG A 322 10.37 -16.36 17.08
CA ARG A 322 11.20 -15.17 16.95
C ARG A 322 10.32 -13.93 16.84
N ASP A 323 10.94 -12.76 16.73
CA ASP A 323 10.24 -11.52 16.42
C ASP A 323 10.60 -11.12 14.99
N LEU A 324 9.58 -10.83 14.20
CA LEU A 324 9.79 -10.41 12.81
C LEU A 324 8.69 -9.44 12.42
N VAL A 325 8.88 -8.81 11.27
CA VAL A 325 7.92 -7.86 10.72
C VAL A 325 7.01 -8.63 9.76
N CYS A 326 5.86 -9.08 10.27
CA CYS A 326 4.92 -9.83 9.44
C CYS A 326 4.34 -9.00 8.31
N HIS A 327 4.44 -7.67 8.39
CA HIS A 327 3.90 -6.82 7.34
C HIS A 327 4.45 -7.23 5.99
N ALA A 328 3.58 -7.77 5.13
CA ALA A 328 4.02 -8.27 3.83
C ALA A 328 4.93 -7.27 3.13
N SER A 329 5.91 -7.80 2.41
CA SER A 329 6.88 -6.95 1.73
C SER A 329 7.58 -7.75 0.64
N ALA A 330 8.19 -7.03 -0.29
CA ALA A 330 8.97 -7.60 -1.38
C ALA A 330 10.29 -6.86 -1.46
N TRP A 331 11.39 -7.61 -1.63
CA TRP A 331 12.73 -7.06 -1.51
C TRP A 331 13.50 -7.21 -2.80
N ASP A 332 14.45 -6.30 -3.01
CA ASP A 332 15.42 -6.37 -4.10
C ASP A 332 16.80 -6.15 -3.49
N PHE A 333 17.57 -7.24 -3.37
CA PHE A 333 18.94 -7.15 -2.90
C PHE A 333 19.90 -6.78 -4.01
N PHE A 334 19.39 -6.21 -5.09
CA PHE A 334 20.21 -5.84 -6.26
C PHE A 334 20.92 -7.12 -6.73
N ALA A 335 22.17 -7.03 -7.18
CA ALA A 335 22.91 -8.18 -7.69
C ALA A 335 22.12 -8.73 -8.87
N ILE A 336 21.72 -10.00 -8.86
CA ILE A 336 21.02 -10.59 -9.99
C ILE A 336 20.05 -11.65 -9.50
N ASP A 337 18.79 -11.53 -9.90
CA ASP A 337 17.77 -12.57 -9.74
C ASP A 337 17.53 -12.97 -8.29
N ASP A 338 18.01 -12.19 -7.32
CA ASP A 338 17.77 -12.49 -5.91
C ASP A 338 16.57 -11.65 -5.47
N VAL A 339 15.39 -12.26 -5.52
CA VAL A 339 14.13 -11.60 -5.16
C VAL A 339 13.46 -12.43 -4.07
N ARG A 340 12.96 -11.75 -3.04
CA ARG A 340 12.36 -12.42 -1.91
C ARG A 340 11.10 -11.68 -1.46
N ILE A 341 10.16 -12.44 -0.90
CA ILE A 341 8.93 -11.90 -0.34
C ILE A 341 8.81 -12.40 1.09
N LYS A 342 8.57 -11.48 2.02
CA LYS A 342 8.39 -11.81 3.43
C LYS A 342 6.94 -11.48 3.79
N GLN A 343 6.08 -12.50 3.79
CA GLN A 343 4.66 -12.32 4.03
C GLN A 343 4.14 -13.45 4.90
N CYS A 344 3.55 -13.10 6.05
CA CYS A 344 2.94 -14.07 6.95
C CYS A 344 1.58 -14.48 6.40
N THR A 345 1.61 -15.23 5.30
CA THR A 345 0.42 -15.53 4.54
C THR A 345 -0.56 -16.39 5.34
N ARG A 346 -1.83 -16.21 5.04
CA ARG A 346 -2.91 -17.03 5.58
C ARG A 346 -3.82 -17.45 4.43
N VAL A 347 -4.72 -18.38 4.72
CA VAL A 347 -5.59 -18.99 3.70
C VAL A 347 -6.90 -18.21 3.70
N ASN A 348 -7.02 -17.26 2.78
CA ASN A 348 -8.25 -16.51 2.58
C ASN A 348 -8.07 -15.66 1.33
N MET A 349 -9.18 -15.13 0.83
CA MET A 349 -9.13 -14.34 -0.39
C MET A 349 -8.37 -13.04 -0.18
N ARG A 350 -8.57 -12.39 0.97
CA ARG A 350 -7.87 -11.14 1.25
C ARG A 350 -6.36 -11.33 1.07
N GLU A 351 -5.80 -12.37 1.69
CA GLU A 351 -4.37 -12.62 1.55
C GLU A 351 -3.99 -12.88 0.10
N PHE A 352 -4.88 -13.52 -0.66
CA PHE A 352 -4.56 -13.87 -2.05
C PHE A 352 -4.19 -12.64 -2.87
N PHE A 353 -4.91 -11.53 -2.66
CA PHE A 353 -4.58 -10.31 -3.39
C PHE A 353 -3.31 -9.66 -2.84
N VAL A 354 -3.05 -9.82 -1.55
CA VAL A 354 -1.80 -9.30 -0.98
C VAL A 354 -0.61 -9.92 -1.70
N VAL A 355 -0.73 -11.20 -2.08
CA VAL A 355 0.34 -11.87 -2.81
C VAL A 355 0.63 -11.12 -4.11
N HIS A 356 -0.41 -10.85 -4.89
CA HIS A 356 -0.23 -10.21 -6.19
C HIS A 356 0.44 -8.85 -6.03
N HIS A 357 0.08 -8.09 -5.00
CA HIS A 357 0.73 -6.81 -4.77
C HIS A 357 2.22 -6.99 -4.54
N GLU A 358 2.60 -7.98 -3.74
CA GLU A 358 4.01 -8.25 -3.50
C GLU A 358 4.69 -8.77 -4.75
N LEU A 359 4.03 -9.65 -5.49
CA LEU A 359 4.60 -10.17 -6.72
C LEU A 359 4.81 -9.06 -7.75
N GLY A 360 3.89 -8.10 -7.81
CA GLY A 360 4.09 -6.95 -8.68
C GLY A 360 5.36 -6.19 -8.36
N HIS A 361 5.75 -6.16 -7.08
CA HIS A 361 7.02 -5.55 -6.72
C HIS A 361 8.20 -6.41 -7.15
N ILE A 362 8.07 -7.74 -7.02
CA ILE A 362 9.15 -8.63 -7.41
C ILE A 362 9.36 -8.56 -8.92
N GLN A 363 8.28 -8.63 -9.69
CA GLN A 363 8.39 -8.56 -11.14
C GLN A 363 9.13 -7.30 -11.57
N TYR A 364 8.76 -6.16 -10.99
CA TYR A 364 9.38 -4.89 -11.36
C TYR A 364 10.89 -4.95 -11.16
N TYR A 365 11.36 -5.70 -10.16
CA TYR A 365 12.79 -5.86 -9.96
C TYR A 365 13.43 -6.62 -11.11
N LEU A 366 12.80 -7.73 -11.51
CA LEU A 366 13.35 -8.58 -12.56
C LEU A 366 13.41 -7.88 -13.91
N GLN A 367 12.62 -6.81 -14.10
CA GLN A 367 12.57 -6.14 -15.38
C GLN A 367 13.70 -5.13 -15.55
N TYR A 368 14.05 -4.40 -14.49
CA TYR A 368 15.12 -3.41 -14.58
C TYR A 368 16.39 -3.85 -13.86
N GLN A 369 16.53 -5.14 -13.58
CA GLN A 369 17.78 -5.63 -13.00
C GLN A 369 18.95 -5.43 -13.94
N HIS A 370 18.69 -5.28 -15.24
CA HIS A 370 19.72 -5.00 -16.22
C HIS A 370 20.07 -3.53 -16.32
N GLN A 371 19.60 -2.71 -15.38
CA GLN A 371 19.85 -1.28 -15.36
C GLN A 371 20.88 -0.93 -14.31
N PRO A 372 21.55 0.21 -14.45
CA PRO A 372 22.47 0.65 -13.41
C PRO A 372 21.73 1.03 -12.14
N VAL A 373 22.47 1.03 -11.03
CA VAL A 373 21.87 1.18 -9.70
C VAL A 373 20.87 2.34 -9.65
N GLU A 374 21.09 3.38 -10.45
CA GLU A 374 20.17 4.52 -10.44
C GLU A 374 18.82 4.12 -10.99
N PHE A 375 18.80 3.53 -12.19
CA PHE A 375 17.57 3.20 -12.88
C PHE A 375 17.01 1.83 -12.48
N ARG A 376 17.42 1.30 -11.33
CA ARG A 376 16.88 0.04 -10.81
C ARG A 376 15.73 0.32 -9.84
N GLY A 377 14.72 1.01 -10.36
CA GLY A 377 13.56 1.37 -9.57
C GLY A 377 12.43 1.82 -10.46
N GLY A 378 11.23 1.78 -9.91
CA GLY A 378 10.05 2.18 -10.67
C GLY A 378 10.13 3.62 -11.13
N ALA A 379 9.36 3.91 -12.18
CA ALA A 379 9.31 5.26 -12.72
C ALA A 379 8.99 6.28 -11.61
N ASN A 380 7.98 5.98 -10.80
CA ASN A 380 7.72 6.72 -9.59
C ASN A 380 7.07 5.77 -8.59
N PRO A 381 7.03 6.15 -7.30
CA PRO A 381 6.50 5.21 -6.31
C PRO A 381 5.14 4.64 -6.65
N GLY A 382 4.34 5.35 -7.45
CA GLY A 382 3.02 4.84 -7.80
C GLY A 382 3.08 3.60 -8.67
N PHE A 383 3.92 3.64 -9.71
CA PHE A 383 4.04 2.49 -10.61
C PHE A 383 4.31 1.21 -9.82
N HIS A 384 5.28 1.27 -8.91
CA HIS A 384 5.69 0.08 -8.16
C HIS A 384 4.50 -0.59 -7.49
N GLU A 385 3.77 0.17 -6.67
CA GLU A 385 2.64 -0.40 -5.96
C GLU A 385 1.54 -0.85 -6.91
N ALA A 386 1.42 -0.18 -8.06
CA ALA A 386 0.29 -0.42 -8.94
C ALA A 386 0.40 -1.78 -9.64
N VAL A 387 1.62 -2.18 -10.02
CA VAL A 387 1.80 -3.36 -10.87
C VAL A 387 0.98 -4.53 -10.33
N GLY A 388 1.22 -4.91 -9.08
CA GLY A 388 0.55 -6.07 -8.52
C GLY A 388 -0.96 -5.92 -8.50
N ASP A 389 -1.45 -4.75 -8.12
CA ASP A 389 -2.88 -4.54 -8.02
C ASP A 389 -3.56 -4.58 -9.38
N VAL A 390 -2.83 -4.26 -10.45
CA VAL A 390 -3.42 -4.32 -11.78
C VAL A 390 -3.89 -5.74 -12.09
N LEU A 391 -3.09 -6.74 -11.71
CA LEU A 391 -3.52 -8.12 -11.88
C LEU A 391 -4.68 -8.45 -10.96
N SER A 392 -4.65 -7.90 -9.73
CA SER A 392 -5.75 -8.12 -8.80
C SER A 392 -7.09 -7.68 -9.41
N LEU A 393 -7.07 -6.62 -10.22
CA LEU A 393 -8.30 -6.20 -10.90
C LEU A 393 -8.84 -7.30 -11.80
N SER A 394 -7.94 -7.98 -12.52
CA SER A 394 -8.38 -9.06 -13.41
C SER A 394 -8.75 -10.30 -12.62
N VAL A 395 -8.00 -10.61 -11.57
CA VAL A 395 -8.33 -11.77 -10.73
C VAL A 395 -9.68 -11.58 -10.06
N SER A 396 -9.97 -10.35 -9.62
CA SER A 396 -11.24 -10.09 -8.96
C SER A 396 -12.42 -10.54 -9.82
N THR A 397 -12.28 -10.46 -11.13
CA THR A 397 -13.38 -10.80 -12.03
C THR A 397 -13.75 -12.27 -11.87
N PRO A 398 -15.05 -12.61 -11.95
CA PRO A 398 -15.42 -14.04 -11.95
C PRO A 398 -14.81 -14.80 -13.11
N LYS A 399 -14.76 -14.16 -14.28
CA LYS A 399 -14.15 -14.75 -15.47
C LYS A 399 -12.84 -15.47 -15.15
N HIS A 400 -11.92 -14.77 -14.49
CA HIS A 400 -10.64 -15.37 -14.11
C HIS A 400 -10.77 -16.34 -12.95
N LEU A 401 -11.68 -16.04 -12.00
CA LEU A 401 -11.92 -16.97 -10.89
C LEU A 401 -12.70 -18.19 -11.34
N LYS A 402 -13.48 -18.07 -12.41
CA LYS A 402 -14.24 -19.22 -12.91
C LYS A 402 -13.33 -20.21 -13.65
N LYS A 403 -12.26 -19.71 -14.27
CA LYS A 403 -11.35 -20.59 -14.99
C LYS A 403 -10.63 -21.57 -14.07
N VAL A 404 -10.61 -21.31 -12.76
CA VAL A 404 -9.71 -22.03 -11.86
C VAL A 404 -10.45 -22.63 -10.68
N GLY A 405 -11.66 -23.13 -10.91
CA GLY A 405 -12.36 -23.90 -9.90
C GLY A 405 -12.81 -23.13 -8.68
N LEU A 406 -11.94 -22.25 -8.17
CA LEU A 406 -12.27 -21.39 -7.02
C LEU A 406 -13.69 -20.87 -7.11
N LEU A 407 -14.09 -20.45 -8.31
CA LEU A 407 -15.43 -19.93 -8.56
C LEU A 407 -16.14 -20.86 -9.54
N LYS A 408 -17.25 -21.44 -9.10
CA LYS A 408 -18.06 -22.31 -9.95
C LYS A 408 -19.52 -22.09 -9.63
N ASP A 409 -20.38 -22.51 -10.56
CA ASP A 409 -21.81 -22.25 -10.51
C ASP A 409 -22.10 -20.85 -9.97
N TYR A 410 -21.78 -19.83 -10.77
CA TYR A 410 -21.90 -18.43 -10.39
C TYR A 410 -22.81 -17.75 -11.42
N GLU A 411 -24.11 -17.74 -11.12
CA GLU A 411 -25.10 -17.14 -12.02
C GLU A 411 -25.10 -15.63 -11.83
N GLU A 412 -24.16 -14.97 -12.50
CA GLU A 412 -24.03 -13.52 -12.40
C GLU A 412 -25.27 -12.81 -12.92
N ASP A 413 -26.18 -12.46 -12.02
CA ASP A 413 -27.38 -11.72 -12.35
C ASP A 413 -27.04 -10.24 -12.53
N GLU A 414 -28.08 -9.40 -12.66
CA GLU A 414 -27.88 -7.95 -12.57
C GLU A 414 -27.53 -7.54 -11.15
N GLN A 415 -28.23 -8.10 -10.16
CA GLN A 415 -27.90 -7.82 -8.76
C GLN A 415 -26.47 -8.23 -8.45
N VAL A 416 -26.06 -9.41 -8.92
CA VAL A 416 -24.70 -9.89 -8.69
C VAL A 416 -23.69 -8.85 -9.16
N LYS A 417 -23.89 -8.31 -10.37
CA LYS A 417 -22.99 -7.30 -10.88
C LYS A 417 -23.01 -6.04 -10.03
N ILE A 418 -24.08 -5.82 -9.25
CA ILE A 418 -24.06 -4.75 -8.26
C ILE A 418 -23.13 -5.11 -7.12
N ASN A 419 -23.37 -6.28 -6.50
CA ASN A 419 -22.42 -6.80 -5.51
C ASN A 419 -21.02 -6.88 -6.10
N GLN A 420 -20.92 -7.22 -7.38
CA GLN A 420 -19.63 -7.21 -8.06
C GLN A 420 -19.02 -5.82 -8.06
N PHE A 421 -19.83 -4.80 -8.35
CA PHE A 421 -19.36 -3.42 -8.27
C PHE A 421 -19.28 -2.94 -6.83
N TYR A 422 -20.14 -3.46 -5.94
CA TYR A 422 -20.16 -3.03 -4.56
C TYR A 422 -18.88 -3.43 -3.84
N ARG A 423 -18.57 -4.74 -3.84
CA ARG A 423 -17.35 -5.22 -3.19
C ARG A 423 -16.14 -4.42 -3.67
N ALA A 424 -16.05 -4.15 -4.97
CA ALA A 424 -14.93 -3.37 -5.48
C ALA A 424 -14.88 -1.99 -4.83
N GLY A 425 -16.03 -1.44 -4.45
CA GLY A 425 -16.07 -0.13 -3.83
C GLY A 425 -15.61 -0.17 -2.38
N VAL A 426 -16.27 -0.98 -1.56
CA VAL A 426 -15.89 -1.12 -0.16
C VAL A 426 -14.51 -1.74 0.02
N THR A 427 -13.91 -2.25 -1.06
CA THR A 427 -12.58 -2.83 -1.02
C THR A 427 -11.51 -1.85 -1.49
N LYS A 428 -11.71 -1.24 -2.66
CA LYS A 428 -10.68 -0.42 -3.28
C LYS A 428 -11.01 1.06 -3.35
N LEU A 429 -12.29 1.44 -3.45
CA LEU A 429 -12.63 2.85 -3.58
C LEU A 429 -12.37 3.61 -2.29
N VAL A 430 -12.82 3.06 -1.16
CA VAL A 430 -12.65 3.71 0.13
C VAL A 430 -11.18 3.86 0.50
N PHE A 431 -10.28 3.21 -0.23
CA PHE A 431 -8.86 3.26 0.09
C PHE A 431 -8.19 4.53 -0.44
N LEU A 432 -8.73 5.14 -1.49
CA LEU A 432 -8.13 6.36 -2.02
C LEU A 432 -8.17 7.50 -1.02
N PRO A 433 -9.32 7.82 -0.39
CA PRO A 433 -9.29 8.85 0.66
C PRO A 433 -8.33 8.51 1.79
N PHE A 434 -8.29 7.25 2.21
CA PHE A 434 -7.37 6.85 3.27
C PHE A 434 -5.93 7.17 2.89
N ALA A 435 -5.47 6.62 1.76
CA ALA A 435 -4.10 6.86 1.33
C ALA A 435 -3.80 8.35 1.18
N TYR A 436 -4.82 9.13 0.84
CA TYR A 436 -4.61 10.57 0.64
C TYR A 436 -4.33 11.27 1.97
N THR A 437 -5.08 10.94 3.02
CA THR A 437 -4.92 11.63 4.29
C THR A 437 -3.57 11.32 4.93
N LEU A 438 -3.05 10.11 4.75
CA LEU A 438 -1.82 9.72 5.42
C LEU A 438 -0.68 10.68 5.08
N ASP A 439 -0.32 10.78 3.80
CA ASP A 439 0.77 11.67 3.40
C ASP A 439 0.37 13.14 3.55
N LYS A 440 -0.90 13.47 3.32
CA LYS A 440 -1.35 14.84 3.53
C LYS A 440 -1.08 15.30 4.95
N TYR A 441 -1.12 14.37 5.91
CA TYR A 441 -0.84 14.70 7.30
C TYR A 441 0.66 14.81 7.55
N ARG A 442 1.42 13.80 7.14
CA ARG A 442 2.86 13.81 7.36
C ARG A 442 3.49 15.05 6.72
N TRP A 443 3.03 15.43 5.54
CA TRP A 443 3.50 16.67 4.92
C TRP A 443 3.26 17.86 5.86
N GLY A 444 2.12 17.86 6.55
CA GLY A 444 1.83 18.94 7.48
C GLY A 444 2.72 18.93 8.69
N VAL A 445 3.26 17.76 9.06
CA VAL A 445 4.19 17.69 10.18
C VAL A 445 5.59 18.09 9.75
N PHE A 446 5.99 17.71 8.53
CA PHE A 446 7.31 18.10 8.03
C PHE A 446 7.37 19.60 7.78
N ARG A 447 6.31 20.16 7.18
CA ARG A 447 6.29 21.58 6.84
C ARG A 447 5.96 22.47 8.03
N GLY A 448 5.88 21.91 9.23
CA GLY A 448 5.57 22.70 10.41
C GLY A 448 4.14 23.17 10.52
N ASP A 449 3.27 22.79 9.58
CA ASP A 449 1.87 23.19 9.65
C ASP A 449 1.13 22.52 10.80
N ILE A 450 1.71 21.48 11.41
CA ILE A 450 1.09 20.77 12.52
C ILE A 450 2.08 20.80 13.68
N LYS A 451 1.76 21.60 14.70
CA LYS A 451 2.63 21.70 15.86
C LYS A 451 2.57 20.41 16.68
N PRO A 452 3.65 20.08 17.39
CA PRO A 452 3.63 18.84 18.19
C PRO A 452 2.51 18.81 19.22
N ARG A 453 2.10 19.97 19.76
CA ARG A 453 1.04 20.00 20.76
C ARG A 453 -0.32 19.62 20.18
N GLU A 454 -0.44 19.50 18.86
CA GLU A 454 -1.69 19.12 18.20
C GLU A 454 -1.44 18.03 17.17
N TYR A 455 -0.59 17.05 17.52
CA TYR A 455 -0.29 15.98 16.59
C TYR A 455 -1.48 15.04 16.40
N ASN A 456 -2.20 14.74 17.47
CA ASN A 456 -3.19 13.67 17.42
C ASN A 456 -4.52 14.15 16.86
N CYS A 457 -5.08 15.23 17.41
CA CYS A 457 -6.42 15.65 17.01
C CYS A 457 -6.46 16.30 15.64
N LYS A 458 -5.30 16.67 15.07
CA LYS A 458 -5.29 17.10 13.67
C LYS A 458 -5.25 15.90 12.74
N PHE A 459 -4.69 14.78 13.19
CA PHE A 459 -4.73 13.55 12.41
C PHE A 459 -6.16 13.04 12.27
N TRP A 460 -6.83 12.81 13.39
CA TRP A 460 -8.21 12.34 13.36
C TRP A 460 -9.15 13.34 12.70
N GLU A 461 -8.79 14.63 12.73
CA GLU A 461 -9.61 15.62 12.03
C GLU A 461 -9.61 15.37 10.53
N MET A 462 -8.45 15.04 9.97
CA MET A 462 -8.38 14.74 8.54
C MET A 462 -9.06 13.42 8.22
N ARG A 463 -8.81 12.39 9.04
CA ARG A 463 -9.46 11.10 8.81
C ARG A 463 -10.98 11.25 8.84
N SER A 464 -11.48 12.15 9.68
CA SER A 464 -12.93 12.37 9.73
C SER A 464 -13.40 13.15 8.50
N ARG A 465 -12.66 14.18 8.10
CA ARG A 465 -13.10 15.03 7.00
C ARG A 465 -13.16 14.26 5.69
N TYR A 466 -12.07 13.57 5.34
CA TYR A 466 -11.95 12.96 4.02
C TYR A 466 -12.38 11.51 3.96
N SER A 467 -12.69 10.87 5.09
CA SER A 467 -13.17 9.50 5.09
C SER A 467 -14.41 9.27 5.95
N GLY A 468 -14.77 10.21 6.82
CA GLY A 468 -15.97 10.06 7.61
C GLY A 468 -15.94 8.93 8.62
N VAL A 469 -14.76 8.64 9.18
CA VAL A 469 -14.62 7.61 10.20
C VAL A 469 -13.91 8.21 11.39
N GLU A 470 -14.29 7.75 12.58
CA GLU A 470 -13.75 8.25 13.83
C GLU A 470 -13.37 7.10 14.75
N PRO A 471 -12.45 7.33 15.67
CA PRO A 471 -12.09 6.27 16.62
C PRO A 471 -13.29 5.75 17.37
N PRO A 472 -13.16 4.62 18.06
CA PRO A 472 -14.28 4.09 18.85
C PRO A 472 -14.44 4.76 20.21
N VAL A 473 -13.42 5.51 20.67
CA VAL A 473 -13.46 6.17 21.97
C VAL A 473 -12.80 7.53 21.85
N VAL A 474 -13.17 8.42 22.77
CA VAL A 474 -12.63 9.78 22.77
C VAL A 474 -11.12 9.70 23.01
N ARG A 475 -10.35 10.17 22.04
CA ARG A 475 -8.90 10.23 22.17
C ARG A 475 -8.49 11.64 22.62
N THR A 476 -7.24 11.75 23.05
CA THR A 476 -6.70 13.02 23.54
C THR A 476 -5.29 13.19 22.98
N GLU A 477 -4.67 14.32 23.32
CA GLU A 477 -3.30 14.57 22.89
C GLU A 477 -2.29 13.75 23.66
N GLN A 478 -2.66 13.26 24.86
CA GLN A 478 -1.81 12.27 25.52
C GLN A 478 -1.58 11.07 24.62
N ASP A 479 -2.55 10.74 23.77
CA ASP A 479 -2.41 9.68 22.79
C ASP A 479 -1.72 10.21 21.53
N PHE A 480 -1.04 9.31 20.83
CA PHE A 480 -0.38 9.63 19.55
C PHE A 480 -0.60 8.41 18.66
N ASP A 481 -1.66 8.45 17.86
CA ASP A 481 -2.13 7.28 17.13
C ASP A 481 -1.53 7.07 15.74
N PRO A 482 -0.94 8.07 15.09
CA PRO A 482 -0.42 7.86 13.73
C PRO A 482 0.51 6.66 13.65
N PRO A 483 1.44 6.48 14.60
CA PRO A 483 2.36 5.34 14.50
C PRO A 483 1.68 3.98 14.48
N ALA A 484 0.39 3.91 14.84
CA ALA A 484 -0.32 2.63 14.81
C ALA A 484 -0.42 2.04 13.41
N LYS A 485 -0.02 2.79 12.38
CA LYS A 485 0.05 2.28 11.03
C LYS A 485 1.49 1.89 10.72
N TYR A 486 1.66 0.75 10.05
CA TYR A 486 3.00 0.25 9.77
C TYR A 486 3.85 1.29 9.06
N HIS A 487 3.34 1.85 7.97
CA HIS A 487 4.15 2.76 7.15
C HIS A 487 4.58 3.99 7.94
N VAL A 488 3.80 4.40 8.94
CA VAL A 488 4.17 5.55 9.75
C VAL A 488 5.41 5.25 10.58
N SER A 489 5.36 4.17 11.36
CA SER A 489 6.49 3.79 12.19
C SER A 489 7.71 3.40 11.38
N ALA A 490 7.53 3.11 10.09
CA ALA A 490 8.63 2.66 9.24
C ALA A 490 9.13 3.73 8.29
N ASP A 491 8.56 4.93 8.32
CA ASP A 491 8.94 6.02 7.43
C ASP A 491 8.90 5.56 5.97
N VAL A 492 7.69 5.22 5.52
CA VAL A 492 7.45 4.75 4.16
C VAL A 492 6.34 5.59 3.56
N GLU A 493 6.65 6.33 2.49
CA GLU A 493 5.66 7.16 1.82
C GLU A 493 4.46 6.32 1.42
N TYR A 494 3.26 6.87 1.64
CA TYR A 494 2.02 6.19 1.32
C TYR A 494 1.29 6.76 0.12
N LEU A 495 1.68 7.94 -0.36
CA LEU A 495 1.05 8.49 -1.57
C LEU A 495 1.20 7.51 -2.74
N ARG A 496 2.27 6.74 -2.75
CA ARG A 496 2.43 5.68 -3.75
C ARG A 496 1.19 4.82 -3.85
N TYR A 497 0.63 4.43 -2.71
CA TYR A 497 -0.59 3.61 -2.72
C TYR A 497 -1.76 4.37 -3.30
N PHE A 498 -1.83 5.68 -3.08
CA PHE A 498 -2.90 6.48 -3.68
C PHE A 498 -2.72 6.57 -5.18
N VAL A 499 -1.56 7.06 -5.63
CA VAL A 499 -1.28 7.15 -7.06
C VAL A 499 -1.54 5.82 -7.75
N SER A 500 -1.20 4.72 -7.06
CA SER A 500 -1.44 3.39 -7.62
C SER A 500 -2.91 3.20 -7.96
N TYR A 501 -3.80 3.42 -6.98
CA TYR A 501 -5.23 3.20 -7.20
C TYR A 501 -5.82 4.16 -8.22
N VAL A 502 -5.05 5.13 -8.71
CA VAL A 502 -5.46 5.99 -9.81
C VAL A 502 -4.90 5.50 -11.14
N ILE A 503 -3.59 5.22 -11.18
CA ILE A 503 -2.97 4.79 -12.43
C ILE A 503 -3.26 3.32 -12.71
N GLN A 504 -3.41 2.49 -11.68
CA GLN A 504 -3.65 1.06 -11.91
C GLN A 504 -4.89 0.82 -12.75
N PHE A 505 -5.82 1.78 -12.78
CA PHE A 505 -6.97 1.68 -13.67
C PHE A 505 -6.63 2.18 -15.07
N GLN A 506 -5.73 3.15 -15.18
CA GLN A 506 -5.24 3.55 -16.50
C GLN A 506 -4.45 2.42 -17.15
N PHE A 507 -3.51 1.83 -16.40
CA PHE A 507 -2.79 0.66 -16.91
C PHE A 507 -3.78 -0.46 -17.22
N HIS A 508 -4.64 -0.80 -16.26
CA HIS A 508 -5.69 -1.78 -16.50
C HIS A 508 -6.50 -1.44 -17.74
N ARG A 509 -6.67 -0.14 -18.02
CA ARG A 509 -7.41 0.26 -19.21
C ARG A 509 -6.61 -0.05 -20.48
N ALA A 510 -5.39 0.49 -20.58
CA ALA A 510 -4.56 0.21 -21.74
C ALA A 510 -4.20 -1.26 -21.86
N ALA A 511 -4.26 -2.01 -20.76
CA ALA A 511 -4.03 -3.45 -20.81
C ALA A 511 -5.31 -4.22 -21.14
N CYS A 512 -6.47 -3.65 -20.83
CA CYS A 512 -7.74 -4.25 -21.26
C CYS A 512 -8.04 -3.95 -22.72
N ALA A 513 -7.42 -2.91 -23.29
CA ALA A 513 -7.62 -2.58 -24.70
C ALA A 513 -6.68 -3.39 -25.59
N LEU A 514 -5.43 -3.59 -25.17
CA LEU A 514 -4.48 -4.36 -25.96
C LEU A 514 -4.81 -5.84 -25.95
N ALA A 515 -5.51 -6.33 -24.93
CA ALA A 515 -6.04 -7.68 -24.94
C ALA A 515 -7.42 -7.76 -25.58
N GLY A 516 -7.85 -6.70 -26.26
CA GLY A 516 -9.18 -6.69 -26.84
C GLY A 516 -10.28 -6.95 -25.84
N GLU A 517 -10.15 -6.38 -24.63
CA GLU A 517 -11.11 -6.61 -23.57
C GLU A 517 -11.81 -5.33 -23.12
N TYR A 518 -11.66 -4.22 -23.84
CA TYR A 518 -12.26 -2.97 -23.43
C TYR A 518 -12.42 -2.05 -24.62
N VAL A 519 -13.65 -1.56 -24.84
CA VAL A 519 -13.95 -0.53 -25.83
C VAL A 519 -14.94 0.39 -25.16
N LYS A 520 -14.53 1.64 -24.89
CA LYS A 520 -15.36 2.56 -24.13
C LYS A 520 -16.78 2.59 -24.68
N GLY A 521 -17.72 1.99 -23.96
CA GLY A 521 -19.10 1.82 -24.39
C GLY A 521 -19.56 0.38 -24.40
N ASP A 522 -18.63 -0.56 -24.67
CA ASP A 522 -18.90 -2.00 -24.61
C ASP A 522 -19.96 -2.31 -23.57
N PRO A 523 -21.16 -2.78 -23.94
CA PRO A 523 -22.21 -2.97 -22.94
C PRO A 523 -21.92 -4.14 -22.00
N GLU A 524 -22.00 -5.37 -22.49
CA GLU A 524 -21.83 -6.55 -21.64
C GLU A 524 -20.40 -7.08 -21.65
N LYS A 525 -19.47 -6.32 -22.21
CA LYS A 525 -18.05 -6.63 -22.12
C LYS A 525 -17.39 -5.50 -21.35
N THR A 526 -17.78 -5.36 -20.09
CA THR A 526 -17.46 -4.19 -19.29
C THR A 526 -15.97 -4.13 -18.95
N LEU A 527 -15.51 -2.91 -18.64
CA LEU A 527 -14.17 -2.73 -18.10
C LEU A 527 -14.03 -3.32 -16.71
N ASN A 528 -15.13 -3.64 -16.04
CA ASN A 528 -15.09 -4.22 -14.71
C ASN A 528 -14.99 -5.74 -14.74
N ASN A 529 -15.40 -6.38 -15.84
CA ASN A 529 -15.28 -7.81 -16.01
C ASN A 529 -14.14 -8.19 -16.94
N CYS A 530 -13.17 -7.30 -17.13
CA CYS A 530 -12.05 -7.53 -18.04
C CYS A 530 -11.01 -8.41 -17.38
N ASP A 531 -11.01 -9.69 -17.74
CA ASP A 531 -9.97 -10.62 -17.34
C ASP A 531 -8.91 -10.69 -18.44
N ILE A 532 -7.66 -10.42 -18.08
CA ILE A 532 -6.59 -10.40 -19.06
C ILE A 532 -5.57 -11.49 -18.75
N TYR A 533 -5.98 -12.74 -18.88
CA TYR A 533 -5.08 -13.88 -18.75
C TYR A 533 -4.64 -14.32 -20.14
N GLN A 534 -3.35 -14.70 -20.25
CA GLN A 534 -2.79 -15.21 -21.50
C GLN A 534 -2.68 -14.12 -22.57
N SER A 535 -2.43 -12.88 -22.15
CA SER A 535 -2.29 -11.75 -23.07
C SER A 535 -0.81 -11.37 -23.14
N THR A 536 -0.15 -11.78 -24.23
CA THR A 536 1.27 -11.45 -24.40
C THR A 536 1.43 -10.02 -24.91
N ALA A 537 0.53 -9.56 -25.77
CA ALA A 537 0.61 -8.19 -26.27
C ALA A 537 0.59 -7.19 -25.13
N ALA A 538 -0.35 -7.36 -24.19
CA ALA A 538 -0.38 -6.51 -23.01
C ALA A 538 0.90 -6.69 -22.18
N GLY A 539 1.36 -7.94 -22.05
CA GLY A 539 2.58 -8.19 -21.30
C GLY A 539 3.78 -7.52 -21.92
N ASN A 540 3.97 -7.70 -23.23
CA ASN A 540 5.10 -7.08 -23.91
C ASN A 540 5.13 -5.58 -23.68
N GLN A 541 4.00 -4.90 -23.87
CA GLN A 541 3.93 -3.48 -23.61
C GLN A 541 4.18 -3.18 -22.13
N LEU A 542 3.69 -4.05 -21.24
CA LEU A 542 3.96 -3.88 -19.82
C LEU A 542 5.43 -4.09 -19.52
N LYS A 543 6.03 -5.14 -20.09
CA LYS A 543 7.46 -5.37 -19.91
C LYS A 543 8.27 -4.15 -20.32
N GLU A 544 7.85 -3.48 -21.40
CA GLU A 544 8.60 -2.32 -21.89
C GLU A 544 8.54 -1.18 -20.89
N MET A 545 7.37 -0.91 -20.32
CA MET A 545 7.25 0.17 -19.35
C MET A 545 8.06 -0.14 -18.10
N LEU A 546 7.88 -1.34 -17.54
CA LEU A 546 8.65 -1.72 -16.36
C LEU A 546 10.15 -1.77 -16.66
N ALA A 547 10.51 -2.10 -17.91
CA ALA A 547 11.92 -2.15 -18.26
C ALA A 547 12.60 -0.80 -18.07
N LEU A 548 11.90 0.28 -18.39
CA LEU A 548 12.48 1.61 -18.21
C LEU A 548 12.85 1.86 -16.76
N GLY A 549 11.99 1.48 -15.82
CA GLY A 549 12.23 1.80 -14.43
C GLY A 549 12.37 3.30 -14.26
N SER A 550 13.46 3.72 -13.64
CA SER A 550 13.78 5.13 -13.49
C SER A 550 14.75 5.63 -14.57
N SER A 551 14.86 4.90 -15.68
CA SER A 551 15.72 5.34 -16.77
C SER A 551 15.17 6.58 -17.45
N LYS A 552 13.86 6.60 -17.71
CA LYS A 552 13.20 7.75 -18.32
C LYS A 552 12.23 8.39 -17.33
N PRO A 553 11.94 9.67 -17.50
CA PRO A 553 10.88 10.29 -16.69
C PRO A 553 9.59 9.49 -16.78
N TRP A 554 8.78 9.56 -15.73
CA TRP A 554 7.60 8.72 -15.65
C TRP A 554 6.53 9.12 -16.67
N PRO A 555 6.49 10.36 -17.16
CA PRO A 555 5.58 10.64 -18.28
C PRO A 555 5.89 9.80 -19.52
N ASP A 556 7.17 9.63 -19.83
CA ASP A 556 7.55 8.77 -20.96
C ASP A 556 7.12 7.33 -20.70
N ALA A 557 7.47 6.80 -19.51
CA ALA A 557 6.99 5.47 -19.14
C ALA A 557 5.46 5.44 -19.10
N MET A 558 4.84 6.52 -18.64
CA MET A 558 3.39 6.60 -18.64
C MET A 558 2.81 6.41 -20.04
N GLU A 559 3.53 6.88 -21.06
CA GLU A 559 3.03 6.85 -22.43
C GLU A 559 3.31 5.53 -23.15
N VAL A 560 4.46 4.90 -22.86
CA VAL A 560 4.82 3.66 -23.56
C VAL A 560 3.67 2.65 -23.48
N LEU A 561 3.01 2.58 -22.33
CA LEU A 561 1.94 1.62 -22.12
C LEU A 561 0.56 2.24 -22.33
N THR A 562 0.25 3.31 -21.61
CA THR A 562 -1.09 3.88 -21.64
C THR A 562 -1.33 4.72 -22.89
N GLY A 563 -0.29 5.37 -23.41
CA GLY A 563 -0.43 6.35 -24.46
C GLY A 563 -0.60 7.77 -23.95
N GLU A 564 -1.10 7.92 -22.73
CA GLU A 564 -1.22 9.22 -22.08
C GLU A 564 0.09 9.56 -21.37
N ARG A 565 0.22 10.83 -20.99
CA ARG A 565 1.41 11.31 -20.30
C ARG A 565 1.09 11.96 -18.96
N LYS A 566 -0.16 11.91 -18.51
CA LYS A 566 -0.57 12.53 -17.26
C LYS A 566 -1.49 11.57 -16.51
N MET A 567 -1.50 11.71 -15.19
CA MET A 567 -2.40 10.92 -14.37
C MET A 567 -3.84 11.34 -14.63
N SER A 568 -4.70 10.36 -14.93
CA SER A 568 -6.07 10.61 -15.33
C SER A 568 -7.00 9.74 -14.50
N ALA A 569 -7.93 10.39 -13.79
CA ALA A 569 -8.94 9.68 -13.02
C ALA A 569 -10.09 9.17 -13.89
N ASP A 570 -10.02 9.39 -15.22
CA ASP A 570 -11.10 8.94 -16.09
C ASP A 570 -11.31 7.44 -15.98
N ALA A 571 -10.22 6.68 -15.84
CA ALA A 571 -10.32 5.23 -15.79
C ALA A 571 -11.14 4.78 -14.58
N ILE A 572 -10.67 5.11 -13.39
CA ILE A 572 -11.36 4.67 -12.17
C ILE A 572 -12.76 5.25 -12.11
N LEU A 573 -12.92 6.52 -12.49
CA LEU A 573 -14.24 7.13 -12.51
C LEU A 573 -15.20 6.35 -13.40
N GLU A 574 -14.70 5.81 -14.51
CA GLU A 574 -15.53 4.96 -15.35
C GLU A 574 -15.76 3.61 -14.74
N TYR A 575 -14.84 3.14 -13.88
CA TYR A 575 -14.96 1.81 -13.30
C TYR A 575 -16.19 1.71 -12.42
N PHE A 576 -16.36 2.66 -11.49
CA PHE A 576 -17.40 2.58 -10.48
C PHE A 576 -18.67 3.33 -10.85
N ASP A 577 -18.70 4.02 -11.99
CA ASP A 577 -19.90 4.74 -12.39
C ASP A 577 -21.16 3.86 -12.28
N PRO A 578 -21.15 2.59 -12.68
CA PRO A 578 -22.34 1.76 -12.45
C PRO A 578 -22.75 1.71 -10.99
N LEU A 579 -21.79 1.53 -10.08
CA LEU A 579 -22.10 1.58 -8.65
C LEU A 579 -22.59 2.96 -8.24
N TYR A 580 -21.99 4.01 -8.80
CA TYR A 580 -22.40 5.37 -8.48
C TYR A 580 -23.89 5.56 -8.75
N GLN A 581 -24.36 5.09 -9.90
CA GLN A 581 -25.76 5.31 -10.27
C GLN A 581 -26.70 4.49 -9.40
N TRP A 582 -26.27 3.32 -8.93
CA TRP A 582 -27.12 2.53 -8.05
C TRP A 582 -27.14 3.09 -6.64
N LEU A 583 -26.03 3.69 -6.19
CA LEU A 583 -26.02 4.32 -4.88
C LEU A 583 -26.89 5.58 -4.87
N LEU A 584 -26.71 6.45 -5.86
CA LEU A 584 -27.54 7.64 -5.97
C LEU A 584 -29.02 7.28 -5.90
N GLU A 585 -29.45 6.34 -6.74
CA GLU A 585 -30.86 5.95 -6.76
C GLU A 585 -31.25 5.20 -5.50
N GLU A 586 -30.32 4.47 -4.89
CA GLU A 586 -30.64 3.65 -3.72
C GLU A 586 -30.65 4.47 -2.44
N ASN A 587 -29.65 5.34 -2.26
CA ASN A 587 -29.63 6.19 -1.07
C ASN A 587 -30.90 7.02 -0.97
N LYS A 588 -31.36 7.60 -2.08
CA LYS A 588 -32.60 8.35 -2.07
C LYS A 588 -33.74 7.51 -1.52
N ARG A 589 -33.95 6.32 -2.09
CA ARG A 589 -35.08 5.49 -1.67
C ARG A 589 -34.91 5.04 -0.23
N LEU A 590 -33.75 4.47 0.11
CA LEU A 590 -33.52 4.02 1.47
C LEU A 590 -33.74 5.12 2.50
N GLY A 591 -33.75 6.38 2.08
CA GLY A 591 -33.93 7.48 3.00
C GLY A 591 -32.76 7.58 3.96
N ALA A 592 -31.55 7.54 3.41
CA ALA A 592 -30.33 7.60 4.20
C ALA A 592 -29.67 8.96 4.07
N HIS A 593 -29.01 9.39 5.13
CA HIS A 593 -28.29 10.65 5.12
C HIS A 593 -26.93 10.47 4.45
N VAL A 594 -26.53 11.48 3.70
CA VAL A 594 -25.22 11.52 3.05
C VAL A 594 -24.40 12.62 3.70
N GLY A 595 -23.09 12.41 3.75
CA GLY A 595 -22.21 13.33 4.45
C GLY A 595 -22.21 13.07 5.94
N TRP A 596 -21.44 13.88 6.67
CA TRP A 596 -21.30 13.69 8.09
C TRP A 596 -20.92 14.99 8.77
N THR A 597 -21.27 15.09 10.06
CA THR A 597 -20.80 16.16 10.91
C THR A 597 -19.35 15.91 11.30
N ASP A 598 -18.68 16.96 11.76
CA ASP A 598 -17.31 16.81 12.24
C ASP A 598 -17.28 15.81 13.39
N SER A 599 -16.13 15.15 13.53
CA SER A 599 -15.96 14.17 14.58
C SER A 599 -15.61 14.85 15.90
N GLN A 600 -16.19 14.37 16.98
CA GLN A 600 -15.90 14.88 18.32
C GLN A 600 -15.12 13.87 19.16
N LYS A 601 -14.45 12.92 18.51
CA LYS A 601 -13.69 11.88 19.19
C LYS A 601 -12.24 12.26 19.43
N CYS A 602 -11.95 13.55 19.55
CA CYS A 602 -10.61 14.01 19.94
C CYS A 602 -10.73 15.37 20.58
N VAL A 603 -10.28 15.49 21.82
CA VAL A 603 -10.44 16.70 22.61
C VAL A 603 -9.06 17.29 22.91
N SER A 604 -9.03 18.61 23.09
CA SER A 604 -7.79 19.32 23.43
C SER A 604 -7.94 20.07 24.74
C1 NAG B . 18.41 -14.38 14.64
C2 NAG B . 18.79 -15.84 14.27
C3 NAG B . 19.79 -16.41 15.27
C4 NAG B . 20.98 -15.48 15.43
C5 NAG B . 20.47 -14.11 15.87
C6 NAG B . 21.57 -13.10 16.08
C7 NAG B . 17.28 -17.41 13.13
C8 NAG B . 16.02 -18.21 13.25
N2 NAG B . 17.60 -16.67 14.21
O3 NAG B . 20.24 -17.68 14.81
O4 NAG B . 21.90 -15.99 16.40
O5 NAG B . 19.61 -13.60 14.86
O6 NAG B . 21.43 -12.46 17.34
O7 NAG B . 17.97 -17.42 12.12
H2 NAG B . 19.23 -15.82 13.40
H3 NAG B . 19.35 -16.52 16.13
H4 NAG B . 21.46 -15.40 14.59
H5 NAG B . 19.98 -14.20 16.71
H61 NAG B . 21.52 -12.43 15.37
H62 NAG B . 22.43 -13.55 16.03
H81 NAG B . 15.28 -17.63 13.51
H82 NAG B . 16.13 -18.91 13.93
H83 NAG B . 15.82 -18.62 12.39
HN2 NAG B . 17.05 -16.69 14.93
HO3 NAG B . 20.85 -18.01 15.37
HO6 NAG B . 22.24 -12.23 17.65
C1 NAG B . 23.02 -16.61 15.72
C2 NAG B . 24.26 -16.56 16.63
C3 NAG B . 25.44 -17.25 15.95
C4 NAG B . 25.05 -18.66 15.51
C5 NAG B . 23.77 -18.63 14.67
C6 NAG B . 23.27 -20.00 14.31
C7 NAG B . 24.36 -14.63 18.16
C8 NAG B . 24.79 -13.20 18.32
N2 NAG B . 24.60 -15.18 16.96
O3 NAG B . 26.54 -17.31 16.85
O4 NAG B . 26.10 -19.23 14.73
O5 NAG B . 22.73 -17.97 15.40
O6 NAG B . 22.00 -19.94 13.66
O7 NAG B . 23.83 -15.25 19.06
H2 NAG B . 24.06 -17.04 17.45
H3 NAG B . 25.69 -16.74 15.16
H4 NAG B . 24.89 -19.21 16.30
H5 NAG B . 23.96 -18.13 13.85
H61 NAG B . 23.18 -20.54 15.13
H62 NAG B . 23.91 -20.44 13.72
H81 NAG B . 24.59 -12.91 19.23
H82 NAG B . 24.30 -12.65 17.68
H83 NAG B . 25.75 -13.13 18.16
HN2 NAG B . 25.00 -14.67 16.32
HO3 NAG B . 27.23 -17.69 16.45
HO6 NAG B . 21.81 -19.09 13.49
C1 BMA B . 26.44 -20.54 15.22
C2 BMA B . 26.70 -21.48 14.01
C3 BMA B . 27.22 -22.84 14.48
C4 BMA B . 28.39 -22.68 15.46
C5 BMA B . 27.96 -21.76 16.62
C6 BMA B . 29.08 -21.52 17.63
O2 BMA B . 27.69 -20.93 13.16
O3 BMA B . 27.62 -23.66 13.38
O4 BMA B . 28.76 -23.95 15.97
O5 BMA B . 27.57 -20.49 16.07
O6 BMA B . 28.55 -20.76 18.72
H2 BMA B . 25.75 -21.61 13.45
H3 BMA B . 26.41 -23.38 14.98
H4 BMA B . 29.22 -22.20 14.94
H5 BMA B . 27.11 -22.22 17.16
H61 BMA B . 29.89 -20.99 17.11
H62 BMA B . 29.46 -22.50 17.96
HO2 BMA B . 28.19 -21.69 12.80
HO3 BMA B . 28.35 -24.20 13.71
HO4 BMA B . 29.70 -23.86 16.21
HO6 BMA B . 27.86 -20.19 18.35
C04 KS8 C . 5.25 -3.11 1.80
C05 KS8 C . 6.22 -1.92 1.37
C06 KS8 C . 7.31 -1.60 2.48
C07 KS8 C . 8.69 -2.17 2.12
C08 KS8 C . 9.78 -1.85 3.24
C09 KS8 C . 10.45 -0.63 3.22
C10 KS8 C . 11.40 -0.35 4.20
C11 KS8 C . 11.68 -1.29 5.21
C12 KS8 C . 11.01 -2.49 5.23
C13 KS8 C . 10.05 -2.78 4.25
C14 KS8 C . 2.46 -4.05 1.32
C15 KS8 C . 1.63 -2.81 1.81
C18 KS8 C . -0.64 -3.92 1.50
C19 KS8 C . -1.99 -3.32 0.95
C20 KS8 C . -1.91 -1.82 1.42
C21 KS8 C . -0.86 -1.73 2.30
C22 KS8 C . -1.31 -1.96 3.74
C25 KS8 C . -2.11 -3.40 -0.51
C26 KS8 C . -2.07 -4.89 -0.96
C27 KS8 C . -3.37 -5.66 -0.72
C28 KS8 C . -4.53 -4.95 -1.40
C29 KS8 C . -4.67 -3.53 -0.84
C30 KS8 C . -3.37 -2.71 -1.02
N17 KS8 C . 0.12 -2.88 1.86
O01 KS8 C . 3.71 -2.27 -0.29
O03 KS8 C . 4.53 -4.62 -0.45
O16 KS8 C . 2.18 -1.82 2.15
O23 KS8 C . -1.73 -3.10 4.11
O24 KS8 C . -1.26 -1.05 4.53
P02 KS8 C . 4.00 -3.49 0.49
H042 KS8 C . 5.78 -3.91 1.98
H041 KS8 C . 4.79 -2.85 2.62
H051 KS8 C . 5.69 -1.13 1.21
H052 KS8 C . 6.67 -2.17 0.55
H062 KS8 C . 7.38 -0.65 2.58
H061 KS8 C . 7.02 -2.00 3.32
H072 KS8 C . 8.62 -3.13 2.02
H071 KS8 C . 8.98 -1.78 1.28
H091 KS8 C . 10.27 0.00 2.56
H101 KS8 C . 11.85 0.47 4.18
H111 KS8 C . 12.31 -1.10 5.86
H121 KS8 C . 11.19 -3.12 5.89
H131 KS8 C . 9.60 -3.60 4.26
H142 KS8 C . 2.69 -4.61 2.09
H141 KS8 C . 1.93 -4.56 0.70
H182 KS8 C . -0.21 -4.43 0.80
H181 KS8 C . -0.82 -4.49 2.27
H191 KS8 C . -2.74 -3.79 1.35
H201 KS8 C . -2.75 -1.57 1.86
H202 KS8 C . -1.75 -1.25 0.65
H211 KS8 C . -0.44 -0.86 2.24
H251 KS8 C . -1.31 -2.97 -0.86
H262 KS8 C . -1.88 -4.91 -1.92
H261 KS8 C . -1.36 -5.34 -0.48
H271 KS8 C . -3.28 -6.55 -1.07
H272 KS8 C . -3.54 -5.70 0.23
H281 KS8 C . -5.35 -5.45 -1.23
H282 KS8 C . -4.38 -4.92 -2.36
H292 KS8 C . -4.88 -3.57 0.10
H291 KS8 C . -5.38 -3.08 -1.32
H302 KS8 C . -3.48 -1.88 -0.55
H301 KS8 C . -3.26 -2.53 -1.97
ZN ZN D . 3.57 -2.05 -2.45
#